data_3VQI
#
_entry.id   3VQI
#
_cell.length_a   165.700
_cell.length_b   81.900
_cell.length_c   158.520
_cell.angle_alpha   90.00
_cell.angle_beta   92.39
_cell.angle_gamma   90.00
#
_symmetry.space_group_name_H-M   'C 1 2 1'
#
loop_
_entity.id
_entity.type
_entity.pdbx_description
1 polymer Atg5
2 non-polymer '4-(2-HYDROXYETHYL)-1-PIPERAZINE ETHANESULFONIC ACID'
3 non-polymer 'SULFATE ION'
4 water water
#
_entity_poly.entity_id   1
_entity_poly.type   'polypeptide(L)'
_entity_poly.pdbx_seq_one_letter_code
;GPHMEELRERVWNGTINVEVVVSDAIVVPNTTLADKSCHIVMLRDAYLGFYLPTVVRKLADTIKVPYESDYRNWWFEYNG
EGVPWEYPCGVLFDLLNKKRKKQGNELDDTSLQMWELQLCHGDKYPRGILPLVDGHSQIKDYWRHQWKQACFILNGSAKR
IMSLSIPDFENFWVSILSRNRSDFMAVRSKLFSMNKAKSLPVRVWTSNYAVLQPTVPVTDKELSVAELLDSIKLSSDGVK
SVIIQGIDVSIEDNIFELYDIFASIDGFLYLVTK
;
_entity_poly.pdbx_strand_id   A,B,C,D,E
#
# COMPACT_ATOMS: atom_id res chain seq x y z
N MET A 4 -25.99 3.22 6.73
CA MET A 4 -25.58 4.16 5.64
C MET A 4 -24.15 3.86 5.22
N GLU A 5 -23.21 4.32 6.04
CA GLU A 5 -21.78 4.10 5.81
C GLU A 5 -21.20 3.38 7.01
N GLU A 6 -21.94 3.45 8.12
CA GLU A 6 -21.55 2.80 9.36
C GLU A 6 -21.14 1.35 9.12
N LEU A 7 -22.08 0.55 8.62
CA LEU A 7 -21.85 -0.86 8.36
C LEU A 7 -20.56 -1.11 7.58
N ARG A 8 -20.49 -0.56 6.37
CA ARG A 8 -19.32 -0.74 5.53
C ARG A 8 -18.01 -0.56 6.26
N GLU A 9 -18.00 0.23 7.32
CA GLU A 9 -16.79 0.42 8.10
C GLU A 9 -16.52 -0.79 8.97
N ARG A 10 -17.53 -1.20 9.74
CA ARG A 10 -17.41 -2.38 10.61
C ARG A 10 -16.91 -3.58 9.82
N VAL A 11 -17.45 -3.76 8.62
CA VAL A 11 -17.08 -4.87 7.76
C VAL A 11 -15.60 -4.78 7.36
N TRP A 12 -15.21 -3.63 6.83
CA TRP A 12 -13.82 -3.42 6.43
C TRP A 12 -12.87 -3.68 7.60
N ASN A 13 -13.31 -3.34 8.80
CA ASN A 13 -12.48 -3.57 9.99
C ASN A 13 -12.84 -4.88 10.69
N GLY A 14 -13.63 -5.72 10.01
CA GLY A 14 -14.01 -7.00 10.58
C GLY A 14 -12.83 -7.81 11.12
N THR A 15 -12.98 -8.32 12.32
CA THR A 15 -11.90 -9.07 12.95
C THR A 15 -12.34 -10.45 13.46
N ILE A 16 -11.38 -11.34 13.67
CA ILE A 16 -11.65 -12.68 14.22
C ILE A 16 -10.43 -13.12 15.02
N ASN A 17 -10.66 -13.68 16.21
CA ASN A 17 -9.58 -14.16 17.08
C ASN A 17 -9.12 -15.51 16.58
N VAL A 18 -7.81 -15.69 16.45
CA VAL A 18 -7.28 -16.93 15.92
C VAL A 18 -6.16 -17.55 16.76
N GLU A 19 -6.31 -18.82 17.12
CA GLU A 19 -5.27 -19.48 17.87
C GLU A 19 -4.55 -20.46 16.94
N VAL A 20 -3.26 -20.22 16.74
CA VAL A 20 -2.45 -21.05 15.87
C VAL A 20 -1.52 -21.93 16.70
N VAL A 21 -1.72 -23.23 16.60
CA VAL A 21 -0.90 -24.19 17.34
C VAL A 21 -0.14 -25.08 16.36
N VAL A 22 1.13 -25.35 16.65
CA VAL A 22 1.89 -26.22 15.77
C VAL A 22 1.23 -27.60 15.75
N SER A 23 1.23 -28.26 14.60
CA SER A 23 0.59 -29.57 14.51
C SER A 23 1.49 -30.62 15.15
N ASP A 24 0.86 -31.67 15.68
CA ASP A 24 1.59 -32.75 16.35
C ASP A 24 2.69 -33.31 15.46
N ALA A 25 2.40 -33.45 14.18
CA ALA A 25 3.36 -33.99 13.23
C ALA A 25 4.72 -33.32 13.17
N ILE A 26 4.79 -32.01 13.38
CA ILE A 26 6.08 -31.32 13.26
C ILE A 26 6.61 -30.64 14.52
N VAL A 27 5.84 -30.62 15.59
CA VAL A 27 6.27 -29.98 16.82
C VAL A 27 7.42 -30.73 17.48
N VAL A 28 8.26 -30.01 18.24
CA VAL A 28 9.37 -30.62 18.95
C VAL A 28 8.80 -31.42 20.13
N PRO A 29 9.31 -32.64 20.34
CA PRO A 29 8.90 -33.55 21.41
C PRO A 29 8.49 -32.91 22.73
N ASN A 30 7.27 -33.25 23.16
CA ASN A 30 6.68 -32.78 24.40
C ASN A 30 7.05 -31.37 24.86
N THR A 31 6.51 -30.36 24.18
CA THR A 31 6.75 -28.98 24.56
C THR A 31 5.40 -28.42 24.97
N THR A 32 5.41 -27.51 25.94
CA THR A 32 4.19 -26.92 26.48
C THR A 32 3.28 -26.29 25.43
N LEU A 33 1.97 -26.38 25.67
CA LEU A 33 0.99 -25.81 24.78
C LEU A 33 1.25 -24.31 24.60
N ALA A 34 1.47 -23.62 25.72
CA ALA A 34 1.72 -22.19 25.67
C ALA A 34 2.84 -21.88 24.69
N ASP A 35 3.90 -22.68 24.73
CA ASP A 35 5.04 -22.47 23.84
C ASP A 35 4.80 -22.73 22.36
N LYS A 36 3.88 -23.64 22.04
CA LYS A 36 3.59 -23.97 20.66
C LYS A 36 2.34 -23.28 20.14
N SER A 37 1.91 -22.25 20.84
CA SER A 37 0.74 -21.50 20.46
C SER A 37 1.03 -20.01 20.31
N CYS A 38 0.08 -19.30 19.73
CA CYS A 38 0.18 -17.86 19.56
C CYS A 38 -1.19 -17.41 19.07
N HIS A 39 -1.68 -16.31 19.64
CA HIS A 39 -2.98 -15.80 19.24
C HIS A 39 -2.76 -14.54 18.44
N ILE A 40 -3.43 -14.44 17.31
CA ILE A 40 -3.30 -13.27 16.49
C ILE A 40 -4.65 -12.87 15.98
N VAL A 41 -4.88 -11.57 15.90
CA VAL A 41 -6.16 -11.09 15.40
C VAL A 41 -5.97 -11.00 13.89
N MET A 42 -6.92 -11.55 13.13
CA MET A 42 -6.83 -11.52 11.67
C MET A 42 -7.99 -10.71 11.09
N LEU A 43 -7.73 -10.01 10.00
CA LEU A 43 -8.77 -9.26 9.37
C LEU A 43 -9.64 -10.24 8.59
N ARG A 44 -10.96 -10.07 8.68
CA ARG A 44 -11.88 -10.94 7.98
C ARG A 44 -11.66 -10.87 6.48
N ASP A 45 -11.44 -9.66 5.98
CA ASP A 45 -11.21 -9.50 4.57
C ASP A 45 -9.74 -9.32 4.28
N ALA A 46 -9.02 -10.41 4.46
CA ALA A 46 -7.59 -10.49 4.22
C ALA A 46 -7.40 -11.96 3.86
N TYR A 47 -6.16 -12.36 3.61
CA TYR A 47 -5.89 -13.74 3.27
C TYR A 47 -5.03 -14.42 4.32
N LEU A 48 -5.35 -15.67 4.64
CA LEU A 48 -4.59 -16.43 5.64
C LEU A 48 -3.13 -16.35 5.33
N GLY A 49 -2.82 -16.40 4.03
CA GLY A 49 -1.44 -16.33 3.60
C GLY A 49 -0.72 -15.08 4.07
N PHE A 50 -1.43 -13.99 4.33
CA PHE A 50 -0.75 -12.77 4.78
C PHE A 50 -0.15 -13.02 6.16
N TYR A 51 -0.75 -13.95 6.90
CA TYR A 51 -0.30 -14.23 8.26
C TYR A 51 0.71 -15.36 8.40
N LEU A 52 0.88 -16.15 7.34
CA LEU A 52 1.80 -17.30 7.34
C LEU A 52 3.19 -17.05 7.93
N PRO A 53 4.00 -16.18 7.32
CA PRO A 53 5.35 -15.94 7.87
C PRO A 53 5.42 -15.44 9.31
N THR A 54 4.44 -14.67 9.73
CA THR A 54 4.41 -14.15 11.09
C THR A 54 4.21 -15.33 12.02
N VAL A 55 3.26 -16.18 11.67
CA VAL A 55 2.97 -17.35 12.48
C VAL A 55 4.18 -18.27 12.50
N VAL A 56 4.81 -18.46 11.36
CA VAL A 56 5.98 -19.32 11.31
C VAL A 56 7.06 -18.75 12.22
N ARG A 57 7.31 -17.44 12.13
CA ARG A 57 8.32 -16.77 12.95
C ARG A 57 8.07 -17.00 14.43
N LYS A 58 6.87 -16.66 14.90
CA LYS A 58 6.55 -16.81 16.31
C LYS A 58 6.72 -18.21 16.87
N LEU A 59 6.57 -19.22 16.01
CA LEU A 59 6.66 -20.60 16.48
C LEU A 59 7.86 -21.36 15.93
N ALA A 60 8.74 -20.69 15.22
CA ALA A 60 9.93 -21.35 14.65
C ALA A 60 10.70 -22.16 15.70
N ASP A 61 10.63 -21.71 16.95
CA ASP A 61 11.32 -22.37 18.06
C ASP A 61 10.77 -23.74 18.41
N THR A 62 9.47 -23.90 18.23
CA THR A 62 8.79 -25.15 18.56
C THR A 62 8.68 -26.11 17.39
N ILE A 63 9.18 -25.71 16.24
CA ILE A 63 9.10 -26.57 15.08
C ILE A 63 10.33 -27.46 15.02
N LYS A 64 10.10 -28.78 15.09
CA LYS A 64 11.18 -29.75 15.07
C LYS A 64 11.73 -30.00 13.67
N VAL A 65 10.86 -29.91 12.68
CA VAL A 65 11.24 -30.15 11.29
C VAL A 65 12.00 -28.98 10.68
N PRO A 66 12.86 -29.25 9.68
CA PRO A 66 13.64 -28.18 9.03
C PRO A 66 12.87 -27.62 7.84
N TYR A 67 13.05 -26.33 7.55
CA TYR A 67 12.35 -25.74 6.40
C TYR A 67 13.14 -24.76 5.55
N GLU A 68 12.92 -24.87 4.24
CA GLU A 68 13.57 -24.03 3.25
C GLU A 68 13.11 -22.56 3.33
N SER A 69 11.81 -22.35 3.52
CA SER A 69 11.26 -20.99 3.59
C SER A 69 10.07 -20.83 4.53
N ASP A 70 9.49 -19.63 4.50
CA ASP A 70 8.33 -19.30 5.31
C ASP A 70 7.04 -19.43 4.51
N TYR A 71 7.13 -19.94 3.28
CA TYR A 71 5.95 -20.08 2.44
C TYR A 71 5.69 -21.49 1.93
N ARG A 72 6.63 -21.97 1.12
CA ARG A 72 6.59 -23.28 0.51
C ARG A 72 6.39 -24.40 1.52
N ASN A 73 5.45 -25.28 1.23
CA ASN A 73 5.14 -26.43 2.06
C ASN A 73 4.45 -26.17 3.40
N TRP A 74 3.96 -24.96 3.61
CA TRP A 74 3.23 -24.67 4.85
C TRP A 74 1.77 -24.53 4.48
N TRP A 75 0.90 -24.81 5.43
CA TRP A 75 -0.54 -24.65 5.20
C TRP A 75 -1.21 -24.68 6.58
N PHE A 76 -2.49 -24.40 6.64
CA PHE A 76 -3.18 -24.44 7.91
C PHE A 76 -4.20 -25.56 7.89
N GLU A 77 -4.48 -26.10 9.06
CA GLU A 77 -5.46 -27.17 9.15
C GLU A 77 -6.44 -26.88 10.25
N TYR A 78 -7.70 -27.10 9.96
CA TYR A 78 -8.74 -26.91 10.94
C TYR A 78 -9.34 -28.30 11.08
N ASN A 79 -9.39 -28.80 12.31
CA ASN A 79 -9.91 -30.14 12.58
C ASN A 79 -9.35 -31.20 11.64
N GLY A 80 -8.04 -31.15 11.41
CA GLY A 80 -7.42 -32.13 10.56
C GLY A 80 -7.64 -32.01 9.07
N GLU A 81 -8.20 -30.88 8.63
CA GLU A 81 -8.45 -30.66 7.20
C GLU A 81 -7.75 -29.40 6.68
N GLY A 82 -7.07 -29.52 5.54
CA GLY A 82 -6.41 -28.36 4.98
C GLY A 82 -7.37 -27.20 4.73
N VAL A 83 -6.98 -26.00 5.12
CA VAL A 83 -7.83 -24.84 4.89
C VAL A 83 -7.57 -24.29 3.50
N PRO A 84 -8.63 -24.08 2.71
CA PRO A 84 -8.59 -23.57 1.34
C PRO A 84 -8.30 -22.09 1.46
N TRP A 85 -7.05 -21.74 1.75
CA TRP A 85 -6.70 -20.35 1.96
C TRP A 85 -6.82 -19.30 0.83
N GLU A 86 -7.26 -19.70 -0.35
CA GLU A 86 -7.45 -18.74 -1.44
C GLU A 86 -8.77 -17.99 -1.25
N TYR A 87 -9.42 -18.20 -0.12
CA TYR A 87 -10.65 -17.47 0.18
C TYR A 87 -10.36 -16.59 1.37
N PRO A 88 -11.02 -15.43 1.45
CA PRO A 88 -10.73 -14.59 2.61
C PRO A 88 -10.95 -15.29 3.94
N CYS A 89 -10.17 -14.89 4.95
CA CYS A 89 -10.26 -15.45 6.30
C CYS A 89 -11.69 -15.48 6.83
N GLY A 90 -12.33 -14.33 6.83
CA GLY A 90 -13.69 -14.27 7.33
C GLY A 90 -14.62 -15.29 6.71
N VAL A 91 -14.47 -15.49 5.41
CA VAL A 91 -15.28 -16.45 4.69
C VAL A 91 -15.02 -17.86 5.21
N LEU A 92 -13.75 -18.19 5.43
CA LEU A 92 -13.39 -19.51 5.91
C LEU A 92 -13.86 -19.69 7.33
N PHE A 93 -13.69 -18.65 8.13
CA PHE A 93 -14.13 -18.67 9.52
C PHE A 93 -15.64 -18.96 9.56
N ASP A 94 -16.40 -18.24 8.75
CA ASP A 94 -17.85 -18.43 8.70
C ASP A 94 -18.20 -19.83 8.28
N LEU A 95 -17.40 -20.40 7.38
CA LEU A 95 -17.66 -21.71 6.84
C LEU A 95 -17.24 -22.91 7.69
N LEU A 96 -16.10 -22.81 8.38
CA LEU A 96 -15.59 -23.94 9.15
C LEU A 96 -15.71 -23.93 10.67
N ASN A 97 -15.71 -22.75 11.29
CA ASN A 97 -15.76 -22.71 12.75
C ASN A 97 -17.01 -23.25 13.46
N LYS A 98 -16.79 -23.81 14.65
CA LYS A 98 -17.87 -24.36 15.44
C LYS A 98 -18.85 -23.27 15.89
N GLN A 113 -14.77 -15.14 20.20
CA GLN A 113 -14.97 -16.44 19.56
C GLN A 113 -13.68 -16.84 18.82
N MET A 114 -12.85 -17.64 19.47
CA MET A 114 -11.58 -18.04 18.89
C MET A 114 -11.68 -19.20 17.90
N TRP A 115 -10.88 -19.10 16.84
CA TRP A 115 -10.80 -20.09 15.77
C TRP A 115 -9.43 -20.75 15.94
N GLU A 116 -9.40 -22.07 16.10
CA GLU A 116 -8.12 -22.75 16.26
C GLU A 116 -7.67 -23.42 14.97
N LEU A 117 -6.42 -23.16 14.59
CA LEU A 117 -5.83 -23.72 13.38
C LEU A 117 -4.50 -24.38 13.72
N GLN A 118 -4.13 -25.42 12.99
CA GLN A 118 -2.84 -26.02 13.26
C GLN A 118 -1.92 -25.55 12.12
N LEU A 119 -0.65 -25.31 12.44
CA LEU A 119 0.29 -24.89 11.43
C LEU A 119 1.00 -26.18 11.04
N CYS A 120 0.93 -26.54 9.77
CA CYS A 120 1.55 -27.77 9.30
C CYS A 120 2.60 -27.53 8.22
N HIS A 121 3.49 -28.50 8.05
CA HIS A 121 4.54 -28.43 7.03
C HIS A 121 4.81 -29.83 6.55
N GLY A 122 4.95 -30.00 5.23
CA GLY A 122 5.21 -31.33 4.70
C GLY A 122 5.71 -31.33 3.28
N ASP A 123 6.21 -32.44 2.79
CA ASP A 123 6.71 -32.48 1.43
C ASP A 123 5.57 -32.66 0.43
N LYS A 124 4.43 -33.09 0.94
CA LYS A 124 3.27 -33.30 0.10
C LYS A 124 2.09 -32.52 0.64
N TYR A 125 1.61 -31.56 -0.14
CA TYR A 125 0.48 -30.73 0.25
C TYR A 125 -0.77 -31.59 0.31
N PRO A 126 -1.69 -31.25 1.21
CA PRO A 126 -2.91 -32.05 1.29
C PRO A 126 -3.70 -31.92 -0.02
N ARG A 127 -4.49 -32.95 -0.30
CA ARG A 127 -5.30 -33.00 -1.51
C ARG A 127 -6.16 -31.76 -1.66
N GLY A 128 -6.13 -31.18 -2.87
CA GLY A 128 -6.92 -30.00 -3.16
C GLY A 128 -6.43 -28.62 -2.70
N ILE A 129 -5.51 -28.59 -1.75
CA ILE A 129 -4.99 -27.32 -1.25
C ILE A 129 -4.02 -26.68 -2.24
N LEU A 130 -4.28 -25.44 -2.63
CA LEU A 130 -3.39 -24.74 -3.56
C LEU A 130 -2.13 -24.35 -2.81
N PRO A 131 -0.97 -24.78 -3.30
CA PRO A 131 0.30 -24.47 -2.67
C PRO A 131 0.66 -22.98 -2.75
N LEU A 132 1.10 -22.41 -1.64
CA LEU A 132 1.50 -21.01 -1.60
C LEU A 132 3.01 -21.04 -1.67
N VAL A 133 3.56 -20.57 -2.79
CA VAL A 133 5.01 -20.60 -2.98
C VAL A 133 5.69 -19.25 -3.10
N ASP A 134 4.98 -18.22 -3.52
CA ASP A 134 5.60 -16.93 -3.67
C ASP A 134 4.99 -15.81 -2.85
N GLY A 135 4.56 -16.15 -1.64
CA GLY A 135 3.98 -15.16 -0.76
C GLY A 135 3.05 -14.15 -1.42
N HIS A 136 3.17 -12.91 -0.98
CA HIS A 136 2.33 -11.83 -1.46
C HIS A 136 2.22 -11.74 -2.97
N SER A 137 3.35 -11.89 -3.66
CA SER A 137 3.36 -11.83 -5.12
C SER A 137 2.29 -12.77 -5.66
N GLN A 138 2.31 -14.00 -5.17
CA GLN A 138 1.36 -15.01 -5.61
C GLN A 138 -0.08 -14.67 -5.22
N ILE A 139 -0.26 -14.22 -3.97
CA ILE A 139 -1.58 -13.88 -3.50
C ILE A 139 -2.12 -12.74 -4.35
N LYS A 140 -1.22 -11.84 -4.70
CA LYS A 140 -1.55 -10.67 -5.52
C LYS A 140 -2.15 -11.16 -6.85
N ASP A 141 -1.37 -11.91 -7.60
CA ASP A 141 -1.81 -12.45 -8.88
C ASP A 141 -3.18 -13.07 -8.82
N TYR A 142 -3.40 -13.92 -7.82
CA TYR A 142 -4.69 -14.59 -7.70
C TYR A 142 -5.80 -13.60 -7.39
N TRP A 143 -5.59 -12.78 -6.37
CA TRP A 143 -6.59 -11.78 -6.00
C TRP A 143 -6.93 -10.95 -7.25
N ARG A 144 -5.88 -10.57 -7.99
CA ARG A 144 -6.03 -9.79 -9.22
C ARG A 144 -7.03 -10.46 -10.15
N HIS A 145 -6.70 -11.68 -10.57
CA HIS A 145 -7.54 -12.46 -11.47
C HIS A 145 -8.94 -12.67 -10.93
N GLN A 146 -9.11 -12.59 -9.63
CA GLN A 146 -10.44 -12.76 -9.06
C GLN A 146 -11.25 -11.53 -9.46
N TRP A 147 -10.64 -10.35 -9.36
CA TRP A 147 -11.33 -9.11 -9.73
C TRP A 147 -11.52 -9.05 -11.23
N LYS A 148 -10.50 -9.51 -11.94
CA LYS A 148 -10.53 -9.53 -13.39
C LYS A 148 -11.74 -10.37 -13.77
N GLN A 149 -12.22 -11.16 -12.81
CA GLN A 149 -13.36 -12.05 -13.00
C GLN A 149 -14.66 -11.44 -12.52
N ALA A 150 -14.69 -10.96 -11.28
CA ALA A 150 -15.90 -10.37 -10.72
C ALA A 150 -16.31 -9.19 -11.62
N CYS A 151 -15.37 -8.72 -12.43
CA CYS A 151 -15.59 -7.61 -13.33
C CYS A 151 -16.53 -8.07 -14.46
N PHE A 152 -16.13 -9.14 -15.15
CA PHE A 152 -16.92 -9.71 -16.25
C PHE A 152 -18.35 -9.94 -15.78
N ILE A 153 -18.47 -10.52 -14.59
CA ILE A 153 -19.78 -10.79 -14.04
C ILE A 153 -20.56 -9.49 -13.94
N LEU A 154 -19.90 -8.42 -13.48
CA LEU A 154 -20.57 -7.13 -13.31
C LEU A 154 -20.82 -6.37 -14.61
N ASN A 155 -19.83 -6.36 -15.51
CA ASN A 155 -19.98 -5.62 -16.76
C ASN A 155 -19.87 -6.36 -18.09
N GLY A 156 -19.92 -7.69 -18.12
CA GLY A 156 -19.83 -8.38 -19.40
C GLY A 156 -18.49 -8.34 -20.13
N SER A 157 -17.52 -7.63 -19.57
CA SER A 157 -16.21 -7.53 -20.18
C SER A 157 -15.19 -6.95 -19.21
N ALA A 158 -13.95 -7.42 -19.33
CA ALA A 158 -12.89 -6.92 -18.47
C ALA A 158 -12.42 -5.60 -19.06
N LYS A 159 -13.34 -4.64 -19.13
CA LYS A 159 -13.03 -3.32 -19.69
C LYS A 159 -12.58 -2.36 -18.60
N ARG A 160 -13.53 -1.97 -17.76
CA ARG A 160 -13.27 -1.04 -16.65
C ARG A 160 -11.98 -1.32 -15.88
N ILE A 161 -11.70 -2.61 -15.66
CA ILE A 161 -10.51 -3.00 -14.89
C ILE A 161 -9.21 -3.05 -15.71
N MET A 162 -9.30 -3.41 -16.98
CA MET A 162 -8.10 -3.46 -17.82
C MET A 162 -7.70 -2.02 -18.17
N SER A 163 -8.63 -1.10 -17.95
CA SER A 163 -8.42 0.32 -18.23
C SER A 163 -7.63 1.03 -17.14
N LEU A 164 -7.64 0.47 -15.93
CA LEU A 164 -6.93 1.05 -14.80
C LEU A 164 -5.44 1.14 -15.05
N SER A 165 -4.84 2.30 -14.74
CA SER A 165 -3.41 2.51 -14.92
C SER A 165 -2.72 1.57 -13.93
N ILE A 166 -1.48 1.21 -14.21
CA ILE A 166 -0.77 0.32 -13.30
C ILE A 166 -0.76 0.81 -11.85
N PRO A 167 -0.33 2.05 -11.60
CA PRO A 167 -0.29 2.59 -10.23
C PRO A 167 -1.66 2.70 -9.55
N ASP A 168 -2.72 2.78 -10.35
CA ASP A 168 -4.09 2.89 -9.84
C ASP A 168 -4.55 1.55 -9.31
N PHE A 169 -4.10 0.47 -9.97
CA PHE A 169 -4.40 -0.88 -9.55
C PHE A 169 -3.49 -1.29 -8.39
N GLU A 170 -2.21 -0.90 -8.51
CA GLU A 170 -1.18 -1.17 -7.49
C GLU A 170 -1.64 -0.53 -6.22
N ASN A 171 -2.27 0.62 -6.36
CA ASN A 171 -2.80 1.37 -5.24
C ASN A 171 -4.01 0.58 -4.70
N PHE A 172 -4.69 -0.13 -5.61
CA PHE A 172 -5.86 -0.94 -5.25
C PHE A 172 -5.37 -2.07 -4.33
N TRP A 173 -4.28 -2.71 -4.75
CA TRP A 173 -3.68 -3.79 -3.98
C TRP A 173 -3.26 -3.24 -2.61
N VAL A 174 -2.40 -2.23 -2.64
CA VAL A 174 -1.89 -1.61 -1.44
C VAL A 174 -2.97 -1.25 -0.41
N SER A 175 -4.15 -0.84 -0.88
CA SER A 175 -5.24 -0.48 0.03
C SER A 175 -5.59 -1.63 0.97
N ILE A 176 -5.50 -2.84 0.44
CA ILE A 176 -5.82 -4.04 1.21
C ILE A 176 -4.75 -4.34 2.26
N LEU A 177 -3.51 -3.93 1.99
CA LEU A 177 -2.42 -4.16 2.93
C LEU A 177 -2.36 -3.02 3.95
N SER A 178 -2.64 -1.81 3.51
CA SER A 178 -2.58 -0.64 4.39
C SER A 178 -3.89 -0.38 5.10
N ARG A 179 -4.94 -1.04 4.65
CA ARG A 179 -6.25 -0.85 5.26
C ARG A 179 -6.77 0.57 4.98
N ASN A 180 -6.37 1.14 3.84
CA ASN A 180 -6.86 2.44 3.45
C ASN A 180 -8.15 2.19 2.68
N ARG A 181 -9.26 2.36 3.38
CA ARG A 181 -10.58 2.11 2.78
C ARG A 181 -11.05 2.99 1.65
N SER A 182 -10.86 4.30 1.81
CA SER A 182 -11.26 5.26 0.78
C SER A 182 -10.47 4.97 -0.48
N ASP A 183 -9.22 4.55 -0.29
CA ASP A 183 -8.37 4.21 -1.41
C ASP A 183 -8.95 2.99 -2.12
N PHE A 184 -9.46 2.04 -1.34
CA PHE A 184 -10.04 0.83 -1.88
C PHE A 184 -11.33 1.14 -2.64
N MET A 185 -12.29 1.76 -1.95
CA MET A 185 -13.56 2.12 -2.57
C MET A 185 -13.34 2.95 -3.83
N ALA A 186 -12.30 3.78 -3.82
CA ALA A 186 -11.98 4.64 -4.93
C ALA A 186 -11.87 3.87 -6.23
N VAL A 187 -10.96 2.90 -6.26
CA VAL A 187 -10.75 2.08 -7.46
C VAL A 187 -11.90 1.10 -7.69
N ARG A 188 -12.53 0.65 -6.62
CA ARG A 188 -13.65 -0.29 -6.76
C ARG A 188 -14.68 0.40 -7.67
N SER A 189 -14.85 1.70 -7.46
CA SER A 189 -15.79 2.51 -8.24
C SER A 189 -15.38 2.55 -9.71
N LYS A 190 -14.09 2.79 -9.96
CA LYS A 190 -13.60 2.85 -11.33
C LYS A 190 -13.77 1.49 -12.03
N LEU A 191 -14.35 0.53 -11.32
CA LEU A 191 -14.55 -0.80 -11.88
C LEU A 191 -16.01 -1.12 -12.11
N PHE A 192 -16.88 -0.67 -11.22
CA PHE A 192 -18.29 -0.96 -11.39
C PHE A 192 -19.22 -0.03 -10.61
N SER A 193 -20.45 0.11 -11.11
CA SER A 193 -21.48 0.89 -10.46
C SER A 193 -22.63 -0.08 -10.20
N MET A 194 -23.15 -0.07 -8.98
CA MET A 194 -24.25 -0.97 -8.64
C MET A 194 -25.45 -0.73 -9.57
N ASN A 195 -25.83 0.54 -9.70
CA ASN A 195 -26.96 0.93 -10.54
C ASN A 195 -26.82 0.59 -12.03
N LYS A 196 -25.65 0.12 -12.45
CA LYS A 196 -25.46 -0.21 -13.87
C LYS A 196 -24.75 -1.54 -14.09
N ALA A 197 -25.09 -2.54 -13.28
CA ALA A 197 -24.46 -3.86 -13.41
C ALA A 197 -25.38 -4.96 -13.90
N LYS A 198 -24.90 -5.74 -14.86
CA LYS A 198 -25.66 -6.87 -15.41
C LYS A 198 -25.91 -7.91 -14.32
N SER A 199 -24.90 -8.74 -14.05
CA SER A 199 -25.00 -9.77 -13.02
C SER A 199 -23.98 -9.55 -11.89
N LEU A 200 -24.32 -9.98 -10.68
CA LEU A 200 -23.44 -9.80 -9.54
C LEU A 200 -22.71 -11.07 -9.07
N PRO A 201 -21.41 -10.93 -8.74
CA PRO A 201 -20.54 -12.02 -8.26
C PRO A 201 -21.01 -12.66 -6.96
N VAL A 202 -21.53 -13.87 -7.04
CA VAL A 202 -22.01 -14.55 -5.86
C VAL A 202 -21.48 -15.96 -5.76
N ARG A 203 -21.16 -16.38 -4.54
CA ARG A 203 -20.64 -17.70 -4.30
C ARG A 203 -21.30 -18.24 -3.05
N VAL A 204 -21.85 -19.44 -3.15
CA VAL A 204 -22.53 -20.06 -2.03
C VAL A 204 -21.81 -21.31 -1.57
N TRP A 205 -21.74 -21.50 -0.26
CA TRP A 205 -21.08 -22.67 0.31
C TRP A 205 -22.14 -23.64 0.77
N THR A 206 -21.97 -24.91 0.41
CA THR A 206 -22.92 -25.96 0.78
C THR A 206 -22.59 -26.46 2.19
N SER A 207 -23.36 -27.44 2.65
CA SER A 207 -23.14 -28.00 3.98
C SER A 207 -21.90 -28.89 3.96
N ASN A 208 -21.55 -29.39 2.77
CA ASN A 208 -20.39 -30.26 2.66
C ASN A 208 -19.11 -29.54 2.22
N TYR A 209 -19.12 -28.22 2.35
CA TYR A 209 -17.94 -27.41 2.02
C TYR A 209 -17.56 -27.34 0.55
N ALA A 210 -18.55 -27.10 -0.29
CA ALA A 210 -18.33 -26.98 -1.73
C ALA A 210 -18.88 -25.59 -2.13
N VAL A 211 -18.28 -24.97 -3.15
CA VAL A 211 -18.75 -23.65 -3.60
C VAL A 211 -19.45 -23.64 -4.95
N LEU A 212 -20.60 -23.01 -4.96
CA LEU A 212 -21.39 -22.85 -6.16
C LEU A 212 -21.23 -21.38 -6.54
N GLN A 213 -21.20 -21.11 -7.85
CA GLN A 213 -21.10 -19.74 -8.32
C GLN A 213 -22.31 -19.49 -9.22
N PRO A 214 -23.48 -19.31 -8.60
CA PRO A 214 -24.81 -19.04 -9.16
C PRO A 214 -24.84 -17.83 -10.07
N THR A 215 -25.31 -18.01 -11.31
CA THR A 215 -25.42 -16.87 -12.22
C THR A 215 -26.62 -16.08 -11.73
N VAL A 216 -26.36 -14.88 -11.20
CA VAL A 216 -27.42 -14.02 -10.69
C VAL A 216 -27.46 -12.68 -11.42
N PRO A 217 -28.22 -12.60 -12.51
CA PRO A 217 -28.31 -11.33 -13.26
C PRO A 217 -29.21 -10.36 -12.49
N VAL A 218 -28.98 -9.05 -12.67
CA VAL A 218 -29.78 -8.04 -11.99
C VAL A 218 -31.05 -7.69 -12.78
N THR A 219 -32.17 -7.55 -12.05
CA THR A 219 -33.46 -7.24 -12.67
C THR A 219 -34.49 -6.97 -11.58
N LEU A 223 -34.37 -10.25 -6.50
CA LEU A 223 -34.09 -11.57 -5.94
C LEU A 223 -33.71 -11.51 -4.47
N SER A 224 -34.37 -12.34 -3.66
CA SER A 224 -34.08 -12.39 -2.23
C SER A 224 -33.19 -13.61 -1.97
N VAL A 225 -32.59 -13.66 -0.78
CA VAL A 225 -31.72 -14.78 -0.42
C VAL A 225 -32.49 -16.08 -0.57
N ALA A 226 -33.67 -16.13 0.05
CA ALA A 226 -34.52 -17.30 -0.03
C ALA A 226 -34.78 -17.66 -1.49
N GLU A 227 -35.01 -16.66 -2.32
CA GLU A 227 -35.27 -16.88 -3.74
C GLU A 227 -34.02 -17.41 -4.45
N LEU A 228 -32.85 -17.00 -3.99
CA LEU A 228 -31.61 -17.46 -4.58
C LEU A 228 -31.37 -18.92 -4.23
N LEU A 229 -31.49 -19.25 -2.94
CA LEU A 229 -31.27 -20.61 -2.48
C LEU A 229 -32.17 -21.61 -3.19
N ASP A 230 -33.46 -21.32 -3.27
CA ASP A 230 -34.41 -22.21 -3.93
C ASP A 230 -33.94 -22.54 -5.34
N SER A 231 -33.71 -21.50 -6.13
CA SER A 231 -33.28 -21.68 -7.50
C SER A 231 -32.00 -22.50 -7.64
N ILE A 232 -31.36 -22.81 -6.51
CA ILE A 232 -30.11 -23.57 -6.53
C ILE A 232 -30.18 -24.81 -5.62
N LYS A 233 -31.37 -25.10 -5.13
CA LYS A 233 -31.62 -26.25 -4.27
C LYS A 233 -30.78 -26.24 -2.99
N LEU A 234 -30.95 -25.23 -2.15
CA LEU A 234 -30.18 -25.15 -0.92
C LEU A 234 -30.93 -24.58 0.29
N SER A 235 -32.27 -24.54 0.20
CA SER A 235 -33.06 -24.02 1.30
C SER A 235 -33.36 -25.11 2.34
N SER A 236 -33.78 -24.71 3.53
CA SER A 236 -34.09 -25.66 4.58
C SER A 236 -34.99 -25.04 5.66
N VAL A 239 -34.09 -23.57 8.48
CA VAL A 239 -33.08 -22.64 7.99
C VAL A 239 -33.71 -21.31 7.57
N LYS A 240 -33.56 -20.30 8.41
CA LYS A 240 -34.09 -18.97 8.12
C LYS A 240 -32.98 -17.94 7.92
N SER A 241 -31.81 -18.18 8.54
CA SER A 241 -30.67 -17.27 8.45
C SER A 241 -29.48 -17.83 7.66
N VAL A 242 -28.77 -16.94 6.98
CA VAL A 242 -27.58 -17.30 6.21
C VAL A 242 -26.41 -16.61 6.89
N ILE A 243 -25.18 -17.01 6.58
CA ILE A 243 -24.03 -16.36 7.19
C ILE A 243 -23.24 -15.55 6.16
N ILE A 244 -23.22 -14.23 6.35
CA ILE A 244 -22.50 -13.34 5.47
C ILE A 244 -21.63 -12.41 6.30
N GLN A 245 -20.36 -12.28 5.92
CA GLN A 245 -19.44 -11.42 6.64
C GLN A 245 -19.49 -11.60 8.15
N GLY A 246 -19.83 -12.82 8.59
CA GLY A 246 -19.88 -13.12 10.00
C GLY A 246 -21.18 -12.75 10.72
N ILE A 247 -22.20 -12.39 9.95
CA ILE A 247 -23.48 -12.03 10.55
C ILE A 247 -24.64 -12.80 9.92
N ASP A 248 -25.59 -13.19 10.76
CA ASP A 248 -26.77 -13.93 10.33
C ASP A 248 -27.70 -12.97 9.59
N VAL A 249 -27.91 -13.22 8.30
CA VAL A 249 -28.79 -12.40 7.48
C VAL A 249 -30.09 -13.15 7.21
N SER A 250 -31.22 -12.47 7.29
CA SER A 250 -32.51 -13.10 7.05
C SER A 250 -32.57 -13.61 5.60
N ILE A 251 -33.10 -14.81 5.41
CA ILE A 251 -33.20 -15.38 4.08
C ILE A 251 -34.13 -14.55 3.20
N GLU A 252 -34.62 -13.42 3.73
CA GLU A 252 -35.53 -12.54 3.00
C GLU A 252 -34.83 -11.34 2.34
N ASP A 253 -33.70 -10.93 2.91
CA ASP A 253 -32.93 -9.79 2.41
C ASP A 253 -32.70 -9.77 0.90
N ASN A 254 -32.40 -8.58 0.38
CA ASN A 254 -32.16 -8.38 -1.04
C ASN A 254 -30.68 -8.59 -1.41
N ILE A 255 -30.43 -9.58 -2.27
CA ILE A 255 -29.07 -9.91 -2.67
C ILE A 255 -28.33 -8.76 -3.34
N PHE A 256 -29.03 -7.98 -4.18
CA PHE A 256 -28.41 -6.85 -4.86
C PHE A 256 -27.84 -5.90 -3.81
N GLU A 257 -28.56 -5.75 -2.70
CA GLU A 257 -28.15 -4.87 -1.61
C GLU A 257 -27.08 -5.53 -0.75
N LEU A 258 -27.25 -6.82 -0.48
CA LEU A 258 -26.29 -7.56 0.33
C LEU A 258 -24.91 -7.51 -0.34
N TYR A 259 -24.90 -7.39 -1.67
CA TYR A 259 -23.65 -7.33 -2.41
C TYR A 259 -22.99 -5.96 -2.26
N ASP A 260 -23.78 -4.92 -2.47
CA ASP A 260 -23.29 -3.55 -2.39
C ASP A 260 -22.65 -3.22 -1.03
N ILE A 261 -23.06 -3.93 0.01
CA ILE A 261 -22.53 -3.70 1.34
C ILE A 261 -21.62 -4.79 1.92
N PHE A 262 -21.82 -6.05 1.51
CA PHE A 262 -21.05 -7.15 2.07
C PHE A 262 -20.07 -7.92 1.21
N ALA A 263 -19.90 -7.53 -0.05
CA ALA A 263 -18.96 -8.22 -0.92
C ALA A 263 -17.58 -8.22 -0.25
N SER A 264 -16.84 -9.31 -0.42
CA SER A 264 -15.51 -9.43 0.18
C SER A 264 -14.45 -8.73 -0.66
N ILE A 265 -13.26 -8.55 -0.11
CA ILE A 265 -12.19 -7.85 -0.83
C ILE A 265 -11.84 -8.40 -2.19
N ASP A 266 -12.37 -9.57 -2.54
CA ASP A 266 -12.04 -10.14 -3.83
C ASP A 266 -13.15 -9.92 -4.86
N GLY A 267 -14.23 -9.27 -4.44
CA GLY A 267 -15.30 -8.97 -5.38
C GLY A 267 -16.52 -9.87 -5.35
N PHE A 268 -16.51 -10.87 -4.47
CA PHE A 268 -17.64 -11.75 -4.40
C PHE A 268 -18.33 -11.66 -3.06
N LEU A 269 -19.64 -11.88 -3.09
CA LEU A 269 -20.47 -11.88 -1.89
C LEU A 269 -20.57 -13.36 -1.55
N TYR A 270 -20.10 -13.74 -0.36
CA TYR A 270 -20.14 -15.13 0.02
C TYR A 270 -21.25 -15.45 1.01
N LEU A 271 -22.04 -16.45 0.65
CA LEU A 271 -23.12 -16.90 1.51
C LEU A 271 -22.74 -18.27 2.06
N VAL A 272 -22.83 -18.42 3.38
CA VAL A 272 -22.56 -19.69 4.01
C VAL A 272 -23.89 -20.22 4.54
N THR A 273 -24.35 -21.32 3.95
CA THR A 273 -25.61 -21.94 4.34
C THR A 273 -25.55 -22.62 5.69
N LYS A 274 -26.72 -22.78 6.31
CA LYS A 274 -26.84 -23.43 7.60
C LYS A 274 -27.56 -24.77 7.46
N MET B 4 14.21 -0.54 26.12
CA MET B 4 14.82 -0.05 24.84
C MET B 4 13.96 -0.48 23.68
N GLU B 5 13.02 -1.37 23.96
CA GLU B 5 12.15 -1.91 22.93
C GLU B 5 10.79 -1.21 22.83
N GLU B 6 10.30 -0.69 23.95
CA GLU B 6 9.05 0.07 23.93
C GLU B 6 9.41 1.31 23.09
N LEU B 7 10.71 1.50 22.92
CA LEU B 7 11.26 2.62 22.17
C LEU B 7 11.30 2.33 20.67
N ARG B 8 11.71 1.12 20.28
CA ARG B 8 11.77 0.78 18.86
C ARG B 8 10.35 0.74 18.31
N GLU B 9 9.41 0.48 19.22
CA GLU B 9 8.01 0.40 18.87
C GLU B 9 7.44 1.81 18.72
N ARG B 10 8.02 2.74 19.46
CA ARG B 10 7.60 4.14 19.46
C ARG B 10 8.04 4.78 18.14
N VAL B 11 9.25 4.42 17.70
CA VAL B 11 9.81 4.93 16.47
C VAL B 11 9.06 4.35 15.27
N TRP B 12 8.77 3.06 15.35
CA TRP B 12 8.05 2.39 14.28
C TRP B 12 6.66 3.03 14.10
N ASN B 13 6.05 3.46 15.22
CA ASN B 13 4.74 4.08 15.17
C ASN B 13 4.84 5.62 15.10
N GLY B 14 6.05 6.12 14.87
CA GLY B 14 6.24 7.56 14.77
C GLY B 14 5.24 8.20 13.84
N THR B 15 4.62 9.27 14.31
CA THR B 15 3.60 9.95 13.54
C THR B 15 3.72 11.48 13.49
N ILE B 16 3.18 12.10 12.43
CA ILE B 16 3.14 13.56 12.32
C ILE B 16 1.80 14.01 11.76
N ASN B 17 1.30 15.13 12.27
CA ASN B 17 0.03 15.65 11.81
C ASN B 17 0.27 16.58 10.64
N VAL B 18 -0.47 16.36 9.56
CA VAL B 18 -0.31 17.17 8.37
C VAL B 18 -1.61 17.77 7.84
N GLU B 19 -1.56 19.07 7.54
CA GLU B 19 -2.71 19.75 6.96
C GLU B 19 -2.37 19.99 5.49
N VAL B 20 -3.22 19.50 4.61
CA VAL B 20 -2.97 19.70 3.19
C VAL B 20 -4.02 20.67 2.63
N VAL B 21 -3.53 21.76 2.05
CA VAL B 21 -4.38 22.77 1.46
C VAL B 21 -4.09 22.87 -0.03
N VAL B 22 -5.14 22.84 -0.86
CA VAL B 22 -4.94 22.95 -2.29
C VAL B 22 -4.25 24.31 -2.46
N SER B 23 -3.28 24.39 -3.37
CA SER B 23 -2.56 25.64 -3.56
C SER B 23 -3.43 26.65 -4.29
N ASP B 24 -3.11 27.93 -4.08
CA ASP B 24 -3.86 29.02 -4.70
C ASP B 24 -3.83 28.96 -6.22
N ALA B 25 -2.72 28.47 -6.78
CA ALA B 25 -2.59 28.40 -8.22
C ALA B 25 -3.59 27.49 -8.91
N ILE B 26 -4.22 26.59 -8.17
CA ILE B 26 -5.15 25.67 -8.82
C ILE B 26 -6.52 25.48 -8.17
N VAL B 27 -6.79 26.21 -7.10
CA VAL B 27 -8.07 26.07 -6.43
C VAL B 27 -9.17 26.84 -7.14
N VAL B 28 -10.38 26.27 -7.13
CA VAL B 28 -11.53 26.94 -7.73
C VAL B 28 -11.81 28.19 -6.91
N PRO B 29 -11.81 29.36 -7.56
CA PRO B 29 -12.07 30.66 -6.93
C PRO B 29 -13.16 30.66 -5.87
N ASN B 30 -12.93 31.42 -4.80
CA ASN B 30 -13.89 31.53 -3.72
C ASN B 30 -14.34 30.20 -3.13
N THR B 31 -13.38 29.38 -2.72
CA THR B 31 -13.66 28.08 -2.10
C THR B 31 -13.34 28.26 -0.61
N THR B 32 -14.17 27.66 0.25
CA THR B 32 -13.95 27.77 1.69
C THR B 32 -12.74 26.93 2.11
N LEU B 33 -12.03 27.39 3.14
CA LEU B 33 -10.87 26.66 3.63
C LEU B 33 -11.25 25.21 3.85
N ALA B 34 -12.35 25.00 4.56
CA ALA B 34 -12.83 23.67 4.87
C ALA B 34 -12.89 22.73 3.68
N ASP B 35 -13.23 23.25 2.51
CA ASP B 35 -13.33 22.42 1.32
C ASP B 35 -12.00 22.14 0.65
N LYS B 36 -11.10 23.13 0.70
CA LYS B 36 -9.80 22.98 0.06
C LYS B 36 -8.68 22.47 0.96
N SER B 37 -9.05 21.93 2.11
CA SER B 37 -8.09 21.41 3.07
C SER B 37 -8.52 20.07 3.69
N CYS B 38 -7.54 19.29 4.13
CA CYS B 38 -7.79 18.03 4.77
C CYS B 38 -6.65 17.77 5.74
N HIS B 39 -6.96 17.18 6.88
CA HIS B 39 -5.95 16.91 7.87
C HIS B 39 -5.68 15.42 7.96
N ILE B 40 -4.41 15.05 7.83
CA ILE B 40 -4.05 13.64 7.88
C ILE B 40 -2.83 13.33 8.75
N VAL B 41 -2.90 12.19 9.43
CA VAL B 41 -1.80 11.70 10.26
C VAL B 41 -0.92 10.88 9.35
N MET B 42 0.32 11.30 9.19
CA MET B 42 1.25 10.58 8.32
C MET B 42 2.29 9.85 9.13
N LEU B 43 2.69 8.66 8.67
CA LEU B 43 3.73 7.92 9.37
C LEU B 43 5.10 8.53 9.09
N ARG B 44 5.89 8.75 10.13
CA ARG B 44 7.23 9.30 9.96
C ARG B 44 8.05 8.45 9.01
N ASP B 45 7.97 7.14 9.18
CA ASP B 45 8.71 6.24 8.33
C ASP B 45 7.88 5.69 7.20
N ALA B 46 7.54 6.59 6.29
CA ALA B 46 6.77 6.29 5.10
C ALA B 46 7.15 7.37 4.10
N TYR B 47 6.53 7.37 2.94
CA TYR B 47 6.82 8.36 1.93
C TYR B 47 5.58 9.19 1.63
N LEU B 48 5.75 10.48 1.35
CA LEU B 48 4.64 11.38 1.02
C LEU B 48 3.81 10.84 -0.13
N GLY B 49 4.50 10.23 -1.10
CA GLY B 49 3.82 9.66 -2.24
C GLY B 49 2.80 8.63 -1.83
N PHE B 50 2.95 8.06 -0.62
CA PHE B 50 1.98 7.07 -0.15
C PHE B 50 0.62 7.72 0.03
N TYR B 51 0.62 8.99 0.42
CA TYR B 51 -0.61 9.75 0.68
C TYR B 51 -1.08 10.65 -0.45
N LEU B 52 -0.24 10.84 -1.46
CA LEU B 52 -0.59 11.73 -2.57
C LEU B 52 -1.99 11.46 -3.14
N PRO B 53 -2.24 10.23 -3.60
CA PRO B 53 -3.55 9.89 -4.16
C PRO B 53 -4.73 10.07 -3.24
N THR B 54 -4.51 9.88 -1.94
CA THR B 54 -5.60 10.02 -0.98
C THR B 54 -5.96 11.48 -0.85
N VAL B 55 -4.94 12.33 -0.84
CA VAL B 55 -5.12 13.76 -0.72
C VAL B 55 -5.80 14.30 -1.98
N VAL B 56 -5.40 13.83 -3.15
CA VAL B 56 -6.00 14.25 -4.40
C VAL B 56 -7.52 13.99 -4.46
N ARG B 57 -7.98 12.78 -4.15
CA ARG B 57 -9.42 12.51 -4.22
C ARG B 57 -10.17 13.33 -3.21
N LYS B 58 -9.62 13.38 -2.01
CA LYS B 58 -10.23 14.11 -0.91
C LYS B 58 -10.41 15.59 -1.18
N LEU B 59 -9.62 16.15 -2.10
CA LEU B 59 -9.72 17.59 -2.39
C LEU B 59 -10.15 17.89 -3.84
N ALA B 60 -10.35 16.82 -4.60
CA ALA B 60 -10.72 16.90 -6.02
C ALA B 60 -11.79 17.90 -6.42
N ASP B 61 -12.92 17.89 -5.72
CA ASP B 61 -14.02 18.80 -6.03
C ASP B 61 -13.62 20.25 -5.95
N THR B 62 -12.41 20.53 -5.49
CA THR B 62 -11.95 21.91 -5.36
C THR B 62 -10.85 22.30 -6.36
N ILE B 63 -10.42 21.35 -7.16
CA ILE B 63 -9.38 21.62 -8.16
C ILE B 63 -9.93 22.11 -9.49
N LYS B 64 -9.65 23.38 -9.78
CA LYS B 64 -10.12 24.03 -11.00
C LYS B 64 -9.44 23.53 -12.27
N VAL B 65 -8.22 23.02 -12.12
CA VAL B 65 -7.43 22.54 -13.26
C VAL B 65 -7.74 21.10 -13.68
N PRO B 66 -7.55 20.80 -14.97
CA PRO B 66 -7.83 19.44 -15.42
C PRO B 66 -6.60 18.59 -15.16
N TYR B 67 -6.78 17.31 -14.85
CA TYR B 67 -5.63 16.45 -14.65
C TYR B 67 -5.84 15.03 -15.11
N GLU B 68 -4.78 14.49 -15.69
CA GLU B 68 -4.73 13.14 -16.22
C GLU B 68 -4.79 12.09 -15.11
N SER B 69 -3.84 12.14 -14.17
CA SER B 69 -3.81 11.16 -13.08
C SER B 69 -3.71 11.72 -11.66
N ASP B 70 -3.60 10.81 -10.69
CA ASP B 70 -3.51 11.16 -9.27
C ASP B 70 -2.05 11.19 -8.83
N TYR B 71 -1.14 10.90 -9.75
CA TYR B 71 0.29 10.91 -9.42
C TYR B 71 1.08 11.94 -10.21
N ARG B 72 1.00 11.77 -11.53
CA ARG B 72 1.72 12.61 -12.46
C ARG B 72 1.43 14.10 -12.36
N ASN B 73 2.48 14.90 -12.33
CA ASN B 73 2.39 16.35 -12.26
C ASN B 73 1.90 16.91 -10.93
N TRP B 74 1.87 16.10 -9.88
CA TRP B 74 1.48 16.57 -8.56
C TRP B 74 2.73 16.57 -7.69
N TRP B 75 2.72 17.38 -6.65
CA TRP B 75 3.82 17.42 -5.73
C TRP B 75 3.39 18.30 -4.55
N PHE B 76 4.14 18.25 -3.46
CA PHE B 76 3.82 19.04 -2.28
C PHE B 76 4.80 20.19 -2.10
N GLU B 77 4.33 21.26 -1.50
CA GLU B 77 5.19 22.40 -1.27
C GLU B 77 5.07 22.86 0.18
N TYR B 78 6.19 23.28 0.74
CA TYR B 78 6.20 23.79 2.09
C TYR B 78 6.81 25.19 1.96
N ASN B 79 6.06 26.21 2.37
CA ASN B 79 6.55 27.57 2.27
C ASN B 79 7.02 27.93 0.87
N GLY B 80 6.22 27.60 -0.14
CA GLY B 80 6.60 27.92 -1.50
C GLY B 80 7.72 27.12 -2.13
N GLU B 81 8.19 26.05 -1.46
CA GLU B 81 9.26 25.22 -2.00
C GLU B 81 8.80 23.76 -2.07
N GLY B 82 9.07 23.11 -3.21
CA GLY B 82 8.69 21.72 -3.39
C GLY B 82 9.38 20.83 -2.37
N VAL B 83 8.66 19.83 -1.88
CA VAL B 83 9.24 18.91 -0.92
C VAL B 83 9.86 17.70 -1.64
N PRO B 84 11.14 17.44 -1.41
CA PRO B 84 11.85 16.31 -2.03
C PRO B 84 11.38 15.02 -1.40
N TRP B 85 10.21 14.58 -1.85
CA TRP B 85 9.58 13.38 -1.34
C TRP B 85 10.27 12.01 -1.48
N GLU B 86 11.48 11.96 -1.99
CA GLU B 86 12.15 10.66 -2.08
C GLU B 86 12.70 10.28 -0.70
N TYR B 87 12.58 11.18 0.26
CA TYR B 87 13.03 10.91 1.62
C TYR B 87 11.81 10.64 2.51
N PRO B 88 11.96 9.82 3.57
CA PRO B 88 10.77 9.60 4.39
C PRO B 88 10.17 10.86 4.99
N CYS B 89 8.85 10.80 5.20
CA CYS B 89 8.06 11.89 5.74
C CYS B 89 8.67 12.55 6.95
N GLY B 90 9.00 11.74 7.96
CA GLY B 90 9.57 12.24 9.20
C GLY B 90 10.86 13.01 9.02
N VAL B 91 11.69 12.54 8.08
CA VAL B 91 12.96 13.20 7.82
C VAL B 91 12.69 14.58 7.25
N LEU B 92 11.77 14.67 6.29
CA LEU B 92 11.47 15.95 5.67
C LEU B 92 10.86 16.89 6.69
N PHE B 93 10.13 16.32 7.63
CA PHE B 93 9.48 17.11 8.66
C PHE B 93 10.52 17.77 9.54
N ASP B 94 11.41 16.95 10.12
CA ASP B 94 12.47 17.48 10.96
C ASP B 94 13.32 18.50 10.18
N LEU B 95 13.54 18.20 8.90
CA LEU B 95 14.33 19.07 8.04
C LEU B 95 13.69 20.40 7.72
N LEU B 96 12.43 20.38 7.29
CA LEU B 96 11.76 21.59 6.86
C LEU B 96 10.89 22.39 7.82
N ASN B 97 10.18 21.73 8.72
CA ASN B 97 9.29 22.41 9.64
C ASN B 97 9.92 23.60 10.37
N LYS B 98 9.39 24.80 10.11
CA LYS B 98 9.88 26.01 10.74
C LYS B 98 8.87 26.48 11.79
N THR B 110 -3.36 23.93 24.67
CA THR B 110 -2.03 23.62 24.15
C THR B 110 -2.02 23.57 22.61
N SER B 111 -0.85 23.78 22.03
CA SER B 111 -0.67 23.79 20.58
C SER B 111 -0.66 22.37 19.98
N LEU B 112 -1.17 22.25 18.77
CA LEU B 112 -1.23 20.96 18.09
C LEU B 112 -0.19 20.99 16.99
N GLN B 113 0.74 20.05 17.02
CA GLN B 113 1.77 20.02 15.99
C GLN B 113 1.05 19.87 14.65
N MET B 114 1.35 20.76 13.71
CA MET B 114 0.70 20.73 12.41
C MET B 114 1.59 21.19 11.26
N TRP B 115 1.90 20.27 10.37
CA TRP B 115 2.75 20.59 9.23
C TRP B 115 1.82 20.96 8.07
N GLU B 116 1.93 22.19 7.61
CA GLU B 116 1.05 22.67 6.54
C GLU B 116 1.69 22.57 5.17
N LEU B 117 1.12 21.73 4.31
CA LEU B 117 1.62 21.58 2.96
C LEU B 117 0.59 22.04 1.91
N GLN B 118 1.07 22.45 0.75
CA GLN B 118 0.18 22.87 -0.31
C GLN B 118 0.21 21.78 -1.37
N LEU B 119 -0.97 21.37 -1.84
CA LEU B 119 -1.04 20.33 -2.86
C LEU B 119 -0.96 21.08 -4.20
N CYS B 120 0.08 20.78 -4.97
CA CYS B 120 0.32 21.47 -6.23
C CYS B 120 0.21 20.62 -7.46
N HIS B 121 -0.13 21.25 -8.57
CA HIS B 121 -0.24 20.55 -9.85
C HIS B 121 0.14 21.54 -10.93
N GLY B 122 0.94 21.10 -11.90
CA GLY B 122 1.34 21.98 -12.98
C GLY B 122 2.03 21.23 -14.09
N ASP B 123 2.19 21.86 -15.25
CA ASP B 123 2.83 21.21 -16.39
C ASP B 123 4.35 21.07 -16.24
N LYS B 124 4.94 21.89 -15.39
CA LYS B 124 6.38 21.86 -15.19
C LYS B 124 6.66 21.68 -13.71
N TYR B 125 7.40 20.63 -13.39
CA TYR B 125 7.77 20.32 -12.03
C TYR B 125 8.72 21.37 -11.51
N PRO B 126 8.65 21.68 -10.22
CA PRO B 126 9.58 22.69 -9.71
C PRO B 126 10.98 22.13 -9.89
N ARG B 127 11.95 23.02 -10.05
CA ARG B 127 13.32 22.61 -10.24
C ARG B 127 13.83 21.64 -9.17
N GLY B 128 14.53 20.60 -9.61
CA GLY B 128 15.07 19.63 -8.68
C GLY B 128 14.15 18.59 -8.04
N ILE B 129 12.84 18.64 -8.29
CA ILE B 129 11.96 17.66 -7.69
C ILE B 129 11.80 16.46 -8.63
N LEU B 130 11.93 15.24 -8.07
CA LEU B 130 11.78 14.01 -8.87
C LEU B 130 10.31 13.76 -9.15
N PRO B 131 9.95 13.61 -10.42
CA PRO B 131 8.53 13.36 -10.65
C PRO B 131 8.11 11.95 -10.24
N LEU B 132 6.94 11.86 -9.61
CA LEU B 132 6.39 10.57 -9.20
C LEU B 132 5.41 10.26 -10.32
N VAL B 133 5.66 9.20 -11.08
CA VAL B 133 4.79 8.86 -12.18
C VAL B 133 4.06 7.54 -12.07
N ASP B 134 4.77 6.49 -11.66
CA ASP B 134 4.17 5.17 -11.55
C ASP B 134 3.72 4.79 -10.14
N GLY B 135 3.44 5.80 -9.33
CA GLY B 135 2.97 5.56 -7.98
C GLY B 135 3.78 4.62 -7.12
N HIS B 136 3.07 3.75 -6.40
CA HIS B 136 3.71 2.81 -5.50
C HIS B 136 4.81 1.97 -6.11
N SER B 137 4.63 1.50 -7.34
CA SER B 137 5.67 0.70 -7.95
C SER B 137 6.97 1.51 -8.03
N GLN B 138 6.84 2.78 -8.40
CA GLN B 138 8.00 3.65 -8.51
C GLN B 138 8.63 3.87 -7.15
N ILE B 139 7.81 4.08 -6.14
CA ILE B 139 8.33 4.25 -4.79
C ILE B 139 9.01 2.95 -4.33
N LYS B 140 8.39 1.81 -4.62
CA LYS B 140 8.95 0.51 -4.26
C LYS B 140 10.36 0.39 -4.84
N ASP B 141 10.48 0.69 -6.13
CA ASP B 141 11.74 0.65 -6.85
C ASP B 141 12.84 1.49 -6.20
N TYR B 142 12.49 2.73 -5.91
CA TYR B 142 13.45 3.66 -5.32
C TYR B 142 13.90 3.21 -3.94
N TRP B 143 12.94 2.82 -3.12
CA TRP B 143 13.21 2.34 -1.77
C TRP B 143 14.13 1.13 -1.82
N ARG B 144 13.92 0.34 -2.84
CA ARG B 144 14.69 -0.88 -3.01
C ARG B 144 16.15 -0.61 -3.26
N HIS B 145 16.44 0.18 -4.27
CA HIS B 145 17.81 0.55 -4.60
C HIS B 145 18.46 1.32 -3.44
N GLN B 146 17.61 1.88 -2.60
CA GLN B 146 18.09 2.60 -1.43
C GLN B 146 18.63 1.55 -0.44
N TRP B 147 17.87 0.46 -0.25
CA TRP B 147 18.30 -0.61 0.64
C TRP B 147 19.51 -1.33 0.06
N LYS B 148 19.49 -1.46 -1.26
CA LYS B 148 20.56 -2.10 -1.99
C LYS B 148 21.82 -1.29 -1.72
N GLN B 149 21.68 0.03 -1.65
CA GLN B 149 22.84 0.89 -1.39
C GLN B 149 23.25 0.79 0.09
N ALA B 150 22.26 0.73 0.97
CA ALA B 150 22.55 0.64 2.40
C ALA B 150 23.32 -0.64 2.70
N CYS B 151 23.02 -1.71 1.95
CA CYS B 151 23.72 -2.98 2.16
C CYS B 151 25.13 -2.92 1.58
N PHE B 152 25.27 -2.40 0.36
CA PHE B 152 26.60 -2.26 -0.24
C PHE B 152 27.45 -1.59 0.84
N ILE B 153 26.87 -0.63 1.52
CA ILE B 153 27.58 0.08 2.56
C ILE B 153 27.83 -0.80 3.78
N LEU B 154 26.77 -1.45 4.25
CA LEU B 154 26.86 -2.31 5.42
C LEU B 154 27.68 -3.60 5.23
N ASN B 155 27.58 -4.22 4.05
CA ASN B 155 28.27 -5.48 3.80
C ASN B 155 29.34 -5.48 2.71
N GLY B 156 29.71 -4.31 2.20
CA GLY B 156 30.71 -4.27 1.16
C GLY B 156 30.27 -4.94 -0.12
N SER B 157 29.07 -5.52 -0.11
CA SER B 157 28.54 -6.20 -1.29
C SER B 157 27.03 -6.34 -1.22
N ALA B 158 26.39 -6.30 -2.39
CA ALA B 158 24.95 -6.44 -2.46
C ALA B 158 24.59 -7.92 -2.33
N LYS B 159 25.54 -8.68 -1.81
CA LYS B 159 25.37 -10.13 -1.62
C LYS B 159 24.07 -10.47 -0.89
N ARG B 160 24.00 -10.10 0.38
CA ARG B 160 22.83 -10.36 1.22
C ARG B 160 21.49 -9.93 0.66
N ILE B 161 21.44 -8.83 -0.10
CA ILE B 161 20.16 -8.38 -0.64
C ILE B 161 19.68 -9.17 -1.86
N MET B 162 20.60 -9.51 -2.75
CA MET B 162 20.25 -10.28 -3.94
C MET B 162 19.97 -11.72 -3.51
N SER B 163 20.54 -12.12 -2.38
CA SER B 163 20.31 -13.45 -1.83
C SER B 163 18.81 -13.61 -1.60
N LEU B 164 18.23 -12.68 -0.83
CA LEU B 164 16.81 -12.69 -0.51
C LEU B 164 15.92 -13.22 -1.62
N SER B 165 14.90 -13.98 -1.23
CA SER B 165 13.96 -14.52 -2.20
C SER B 165 12.91 -13.47 -2.54
N ILE B 166 12.30 -13.60 -3.71
CA ILE B 166 11.28 -12.64 -4.11
C ILE B 166 10.21 -12.44 -3.03
N PRO B 167 9.56 -13.54 -2.58
CA PRO B 167 8.52 -13.42 -1.55
C PRO B 167 8.98 -12.85 -0.21
N ASP B 168 10.25 -13.03 0.11
CA ASP B 168 10.84 -12.55 1.36
C ASP B 168 11.02 -11.03 1.26
N PHE B 169 11.37 -10.58 0.07
CA PHE B 169 11.58 -9.16 -0.18
C PHE B 169 10.23 -8.46 -0.30
N GLU B 170 9.32 -9.06 -1.07
CA GLU B 170 7.99 -8.49 -1.20
C GLU B 170 7.42 -8.40 0.21
N ASN B 171 7.79 -9.34 1.05
CA ASN B 171 7.29 -9.34 2.41
C ASN B 171 7.89 -8.16 3.17
N PHE B 172 9.14 -7.83 2.85
CA PHE B 172 9.84 -6.70 3.47
C PHE B 172 9.07 -5.41 3.13
N TRP B 173 8.79 -5.23 1.84
CA TRP B 173 8.04 -4.08 1.36
C TRP B 173 6.67 -4.05 2.01
N VAL B 174 5.94 -5.16 1.90
CA VAL B 174 4.60 -5.24 2.47
C VAL B 174 4.58 -4.90 3.95
N SER B 175 5.61 -5.27 4.70
CA SER B 175 5.63 -4.97 6.14
C SER B 175 5.56 -3.46 6.39
N ILE B 176 6.08 -2.68 5.46
CA ILE B 176 6.04 -1.22 5.60
C ILE B 176 4.64 -0.69 5.34
N LEU B 177 3.85 -1.45 4.59
CA LEU B 177 2.49 -1.03 4.27
C LEU B 177 1.53 -1.56 5.32
N SER B 178 1.75 -2.80 5.76
CA SER B 178 0.89 -3.39 6.77
C SER B 178 1.32 -2.87 8.13
N ARG B 179 2.58 -2.45 8.23
CA ARG B 179 3.11 -1.94 9.48
C ARG B 179 3.33 -3.03 10.51
N ASN B 180 3.65 -4.23 10.02
CA ASN B 180 3.96 -5.34 10.90
C ASN B 180 5.45 -5.18 11.22
N ARG B 181 5.76 -4.64 12.39
CA ARG B 181 7.14 -4.40 12.79
C ARG B 181 8.01 -5.64 12.91
N SER B 182 7.41 -6.77 13.26
CA SER B 182 8.20 -8.00 13.38
C SER B 182 8.56 -8.55 12.00
N ASP B 183 7.62 -8.50 11.07
CA ASP B 183 7.90 -8.97 9.72
C ASP B 183 9.03 -8.13 9.17
N PHE B 184 9.01 -6.84 9.52
CA PHE B 184 10.03 -5.93 9.05
C PHE B 184 11.38 -6.27 9.66
N MET B 185 11.41 -6.40 10.98
CA MET B 185 12.64 -6.74 11.70
C MET B 185 13.20 -8.08 11.24
N ALA B 186 12.32 -9.00 10.90
CA ALA B 186 12.75 -10.34 10.48
C ALA B 186 13.64 -10.28 9.25
N VAL B 187 13.25 -9.46 8.27
CA VAL B 187 14.03 -9.35 7.05
C VAL B 187 15.22 -8.40 7.18
N ARG B 188 15.10 -7.40 8.04
CA ARG B 188 16.19 -6.45 8.23
C ARG B 188 17.39 -7.27 8.71
N SER B 189 17.12 -8.15 9.66
CA SER B 189 18.13 -9.02 10.26
C SER B 189 18.91 -9.84 9.24
N LYS B 190 18.22 -10.31 8.22
CA LYS B 190 18.87 -11.09 7.18
C LYS B 190 19.84 -10.22 6.39
N LEU B 191 19.50 -8.94 6.23
CA LEU B 191 20.33 -8.02 5.47
C LEU B 191 21.56 -7.54 6.20
N PHE B 192 21.48 -7.41 7.52
CA PHE B 192 22.65 -6.95 8.26
C PHE B 192 22.62 -7.23 9.77
N SER B 193 23.82 -7.34 10.34
CA SER B 193 24.02 -7.58 11.75
C SER B 193 24.99 -6.51 12.21
N MET B 194 24.73 -5.89 13.35
CA MET B 194 25.62 -4.84 13.84
C MET B 194 27.03 -5.39 13.99
N ASN B 195 27.14 -6.62 14.48
CA ASN B 195 28.43 -7.26 14.69
C ASN B 195 29.24 -7.43 13.41
N LYS B 196 28.58 -7.66 12.28
CA LYS B 196 29.29 -7.85 11.02
C LYS B 196 29.23 -6.61 10.11
N ALA B 197 28.89 -5.46 10.69
CA ALA B 197 28.79 -4.20 9.96
C ALA B 197 30.15 -3.59 9.64
N LYS B 198 30.48 -3.51 8.36
CA LYS B 198 31.75 -2.94 7.92
C LYS B 198 31.68 -1.40 7.92
N SER B 199 30.53 -0.88 7.51
CA SER B 199 30.31 0.57 7.48
C SER B 199 28.81 0.85 7.52
N LEU B 200 28.40 1.87 8.28
CA LEU B 200 26.97 2.18 8.38
C LEU B 200 26.46 3.35 7.54
N PRO B 201 25.27 3.19 6.92
CA PRO B 201 24.63 4.21 6.08
C PRO B 201 24.18 5.42 6.89
N VAL B 202 24.79 6.56 6.64
CA VAL B 202 24.44 7.77 7.39
C VAL B 202 24.27 9.01 6.51
N ARG B 203 23.16 9.71 6.70
CA ARG B 203 22.89 10.94 5.95
C ARG B 203 22.68 12.10 6.91
N VAL B 204 23.38 13.19 6.63
CA VAL B 204 23.32 14.40 7.45
C VAL B 204 22.85 15.61 6.65
N TRP B 205 21.86 16.32 7.18
CA TRP B 205 21.35 17.50 6.51
C TRP B 205 21.99 18.77 7.03
N THR B 206 22.42 19.62 6.11
CA THR B 206 23.03 20.88 6.49
C THR B 206 21.94 21.88 6.78
N SER B 207 22.30 23.01 7.40
CA SER B 207 21.32 24.03 7.71
C SER B 207 20.69 24.64 6.46
N ASN B 208 21.39 24.62 5.34
CA ASN B 208 20.81 25.16 4.12
C ASN B 208 20.17 24.07 3.25
N TYR B 209 19.75 22.98 3.89
CA TYR B 209 19.06 21.85 3.24
C TYR B 209 19.80 21.07 2.17
N ALA B 210 21.09 20.86 2.40
CA ALA B 210 21.92 20.10 1.50
C ALA B 210 22.12 18.81 2.29
N VAL B 211 22.21 17.67 1.61
CA VAL B 211 22.39 16.37 2.28
C VAL B 211 23.77 15.75 2.02
N LEU B 212 24.43 15.35 3.10
CA LEU B 212 25.78 14.74 3.06
C LEU B 212 25.73 13.28 3.46
N GLN B 213 26.51 12.45 2.76
CA GLN B 213 26.56 11.03 3.08
C GLN B 213 28.01 10.65 3.44
N PRO B 214 28.45 11.07 4.63
CA PRO B 214 29.80 10.81 5.14
C PRO B 214 30.08 9.31 5.24
N THR B 215 31.31 8.90 4.94
CA THR B 215 31.62 7.50 5.08
C THR B 215 31.90 7.32 6.56
N VAL B 216 31.31 6.31 7.16
CA VAL B 216 31.50 6.08 8.58
C VAL B 216 31.93 4.63 8.86
N PRO B 217 33.23 4.42 9.12
CA PRO B 217 33.73 3.08 9.39
C PRO B 217 33.25 2.66 10.77
N VAL B 218 32.89 1.39 10.92
CA VAL B 218 32.39 0.85 12.17
C VAL B 218 33.49 0.66 13.22
N GLU B 222 33.73 3.44 19.44
CA GLU B 222 32.47 4.15 19.62
C GLU B 222 32.57 5.61 19.16
N LEU B 223 32.11 5.87 17.93
CA LEU B 223 32.13 7.23 17.35
C LEU B 223 30.86 7.98 17.71
N SER B 224 31.00 9.17 18.28
CA SER B 224 29.85 9.96 18.68
C SER B 224 29.44 10.98 17.61
N VAL B 225 28.24 11.55 17.79
CA VAL B 225 27.71 12.54 16.86
C VAL B 225 28.67 13.71 16.72
N ALA B 226 28.99 14.33 17.86
CA ALA B 226 29.90 15.46 17.90
C ALA B 226 31.16 15.18 17.07
N GLU B 227 31.75 14.01 17.28
CA GLU B 227 32.95 13.64 16.54
C GLU B 227 32.69 13.55 15.03
N LEU B 228 31.64 12.83 14.65
CA LEU B 228 31.30 12.67 13.24
C LEU B 228 31.02 14.03 12.59
N LEU B 229 30.41 14.92 13.36
CA LEU B 229 30.10 16.26 12.87
C LEU B 229 31.38 17.06 12.72
N ASP B 230 32.18 17.12 13.80
CA ASP B 230 33.44 17.85 13.76
C ASP B 230 34.18 17.44 12.53
N SER B 231 34.23 16.13 12.30
CA SER B 231 34.91 15.56 11.14
C SER B 231 34.42 15.99 9.76
N ILE B 232 33.25 16.61 9.68
CA ILE B 232 32.75 17.04 8.37
C ILE B 232 32.41 18.51 8.32
N LYS B 233 32.83 19.20 9.38
CA LYS B 233 32.68 20.64 9.50
C LYS B 233 31.24 21.11 9.69
N LEU B 234 30.45 20.33 10.42
CA LEU B 234 29.05 20.70 10.66
C LEU B 234 28.76 20.86 12.14
N SER B 235 29.79 21.12 12.93
CA SER B 235 29.59 21.29 14.37
C SER B 235 29.71 22.76 14.72
N SER B 236 28.57 23.38 15.06
CA SER B 236 28.54 24.80 15.41
C SER B 236 28.70 24.97 16.92
N ASP B 237 29.46 25.99 17.31
CA ASP B 237 29.73 26.30 18.71
C ASP B 237 28.59 26.05 19.70
N GLY B 238 27.43 26.63 19.46
CA GLY B 238 26.28 26.46 20.35
C GLY B 238 25.53 25.14 20.17
N VAL B 239 25.37 24.70 18.92
CA VAL B 239 24.67 23.45 18.61
C VAL B 239 25.22 22.29 19.45
N LYS B 240 24.44 21.88 20.44
CA LYS B 240 24.85 20.78 21.31
C LYS B 240 24.01 19.53 21.03
N SER B 241 23.02 19.66 20.16
CA SER B 241 22.14 18.56 19.81
C SER B 241 21.92 18.43 18.30
N VAL B 242 21.30 17.33 17.90
CA VAL B 242 20.99 17.08 16.49
C VAL B 242 19.60 16.44 16.48
N ILE B 243 18.87 16.56 15.38
CA ILE B 243 17.54 15.94 15.36
C ILE B 243 17.53 14.61 14.61
N ILE B 244 17.01 13.58 15.29
CA ILE B 244 16.92 12.24 14.72
C ILE B 244 15.52 11.73 15.03
N GLN B 245 14.86 11.18 14.01
CA GLN B 245 13.51 10.65 14.16
C GLN B 245 12.61 11.54 15.01
N GLY B 246 12.74 12.85 14.81
CA GLY B 246 11.92 13.80 15.54
C GLY B 246 12.33 14.06 16.98
N ILE B 247 13.41 13.44 17.41
CA ILE B 247 13.92 13.56 18.77
C ILE B 247 15.25 14.31 18.81
N ASP B 248 15.44 15.13 19.82
CA ASP B 248 16.69 15.87 19.97
C ASP B 248 17.70 14.93 20.64
N VAL B 249 18.84 14.68 19.99
CA VAL B 249 19.83 13.79 20.60
C VAL B 249 21.15 14.53 20.81
N SER B 250 21.75 14.34 21.97
CA SER B 250 23.03 14.99 22.31
C SER B 250 24.12 14.59 21.34
N ILE B 251 24.98 15.52 20.97
CA ILE B 251 26.06 15.23 20.04
C ILE B 251 27.03 14.22 20.66
N GLU B 252 26.80 13.92 21.93
CA GLU B 252 27.61 12.97 22.68
C GLU B 252 27.25 11.53 22.36
N ASP B 253 26.00 11.31 21.95
CA ASP B 253 25.52 9.97 21.65
C ASP B 253 26.37 9.21 20.63
N ASN B 254 26.31 7.89 20.74
CA ASN B 254 27.06 6.98 19.89
C ASN B 254 26.36 6.63 18.56
N ILE B 255 26.83 7.22 17.46
CA ILE B 255 26.25 6.99 16.13
C ILE B 255 25.95 5.52 15.83
N PHE B 256 26.70 4.60 16.43
CA PHE B 256 26.47 3.18 16.17
C PHE B 256 25.17 2.71 16.84
N GLU B 257 24.94 3.15 18.07
CA GLU B 257 23.72 2.76 18.79
C GLU B 257 22.53 3.42 18.11
N LEU B 258 22.70 4.70 17.77
CA LEU B 258 21.66 5.50 17.11
C LEU B 258 21.20 4.81 15.84
N TYR B 259 22.15 4.30 15.05
CA TYR B 259 21.75 3.62 13.84
C TYR B 259 20.90 2.41 14.18
N ASP B 260 21.30 1.66 15.20
CA ASP B 260 20.58 0.45 15.60
C ASP B 260 19.12 0.72 15.90
N ILE B 261 18.88 1.81 16.60
CA ILE B 261 17.53 2.17 16.98
C ILE B 261 16.76 3.06 16.01
N PHE B 262 17.40 4.14 15.56
CA PHE B 262 16.76 5.13 14.72
C PHE B 262 16.86 5.11 13.20
N ALA B 263 17.53 4.13 12.62
CA ALA B 263 17.62 4.08 11.18
C ALA B 263 16.22 4.07 10.58
N SER B 264 16.01 4.91 9.58
CA SER B 264 14.73 5.01 8.89
C SER B 264 14.50 3.74 8.05
N ILE B 265 13.31 3.62 7.48
CA ILE B 265 12.95 2.44 6.69
C ILE B 265 13.68 2.26 5.37
N ASP B 266 14.47 3.24 4.97
CA ASP B 266 15.19 3.10 3.71
C ASP B 266 16.58 2.56 3.99
N GLY B 267 16.88 2.34 5.26
CA GLY B 267 18.18 1.80 5.63
C GLY B 267 19.20 2.83 6.08
N PHE B 268 18.84 4.09 6.04
CA PHE B 268 19.78 5.12 6.46
C PHE B 268 19.36 5.80 7.75
N LEU B 269 20.35 6.34 8.45
CA LEU B 269 20.13 7.05 9.69
C LEU B 269 20.24 8.51 9.23
N TYR B 270 19.24 9.32 9.52
CA TYR B 270 19.30 10.72 9.13
C TYR B 270 19.49 11.63 10.33
N LEU B 271 20.34 12.63 10.16
CA LEU B 271 20.60 13.59 11.20
C LEU B 271 20.33 14.97 10.61
N VAL B 272 19.39 15.71 11.19
CA VAL B 272 19.09 17.07 10.73
C VAL B 272 19.92 18.03 11.59
N THR B 273 20.93 18.64 10.98
CA THR B 273 21.79 19.57 11.72
C THR B 273 21.08 20.88 12.02
N LYS B 274 21.22 21.35 13.25
CA LYS B 274 20.57 22.59 13.69
C LYS B 274 21.53 23.78 13.67
N MET C 4 -12.90 -0.03 34.04
CA MET C 4 -13.55 1.20 34.57
C MET C 4 -12.53 2.27 34.93
N GLU C 5 -11.45 1.85 35.61
CA GLU C 5 -10.41 2.79 36.00
C GLU C 5 -9.74 3.40 34.77
N GLU C 6 -9.61 2.59 33.72
CA GLU C 6 -8.99 3.02 32.47
C GLU C 6 -9.94 3.93 31.68
N LEU C 7 -11.21 3.53 31.66
CA LEU C 7 -12.23 4.30 30.94
C LEU C 7 -12.46 5.65 31.60
N ARG C 8 -12.84 5.63 32.88
CA ARG C 8 -13.07 6.89 33.60
C ARG C 8 -11.88 7.80 33.43
N GLU C 9 -10.74 7.21 33.10
CA GLU C 9 -9.50 7.94 32.90
C GLU C 9 -9.47 8.51 31.49
N ARG C 10 -9.72 7.65 30.50
CA ARG C 10 -9.71 8.06 29.10
C ARG C 10 -10.69 9.23 28.86
N VAL C 11 -11.79 9.25 29.61
CA VAL C 11 -12.78 10.30 29.50
C VAL C 11 -12.27 11.62 30.06
N TRP C 12 -11.64 11.56 31.23
CA TRP C 12 -11.10 12.76 31.88
C TRP C 12 -10.06 13.43 31.02
N ASN C 13 -9.53 12.69 30.05
CA ASN C 13 -8.50 13.20 29.16
C ASN C 13 -8.92 13.38 27.71
N GLY C 14 -10.21 13.21 27.43
CA GLY C 14 -10.69 13.36 26.07
C GLY C 14 -10.42 14.76 25.56
N THR C 15 -10.04 14.86 24.30
CA THR C 15 -9.75 16.16 23.73
C THR C 15 -10.27 16.21 22.33
N ILE C 16 -10.18 17.40 21.73
CA ILE C 16 -10.57 17.61 20.36
C ILE C 16 -9.58 18.57 19.70
N ASN C 17 -9.28 18.31 18.44
CA ASN C 17 -8.38 19.15 17.70
C ASN C 17 -9.17 20.25 17.01
N VAL C 18 -8.78 21.48 17.29
CA VAL C 18 -9.46 22.63 16.73
C VAL C 18 -8.54 23.53 15.90
N GLU C 19 -9.00 23.90 14.72
CA GLU C 19 -8.26 24.78 13.87
C GLU C 19 -9.04 26.10 13.93
N VAL C 20 -8.38 27.17 14.35
CA VAL C 20 -9.02 28.47 14.45
C VAL C 20 -8.44 29.41 13.40
N VAL C 21 -9.31 29.97 12.58
CA VAL C 21 -8.90 30.88 11.53
C VAL C 21 -9.57 32.22 11.76
N VAL C 22 -8.81 33.31 11.62
CA VAL C 22 -9.37 34.64 11.79
C VAL C 22 -10.45 34.85 10.74
N SER C 23 -11.54 35.47 11.14
CA SER C 23 -12.68 35.75 10.27
C SER C 23 -12.26 36.66 9.09
N ASP C 24 -12.86 36.43 7.92
CA ASP C 24 -12.55 37.24 6.73
C ASP C 24 -12.84 38.72 6.96
N ALA C 25 -13.85 38.99 7.79
CA ALA C 25 -14.24 40.37 8.08
C ALA C 25 -13.28 41.16 8.96
N ILE C 26 -12.34 40.50 9.62
CA ILE C 26 -11.46 41.24 10.51
C ILE C 26 -9.96 41.00 10.32
N VAL C 27 -9.62 40.20 9.31
CA VAL C 27 -8.23 39.90 9.05
C VAL C 27 -7.61 40.93 8.11
N VAL C 28 -6.32 41.22 8.32
CA VAL C 28 -5.61 42.15 7.46
C VAL C 28 -5.62 41.48 6.11
N PRO C 29 -5.97 42.22 5.05
CA PRO C 29 -6.00 41.63 3.70
C PRO C 29 -4.69 41.02 3.25
N ASN C 30 -4.79 40.09 2.30
CA ASN C 30 -3.62 39.43 1.73
C ASN C 30 -2.75 38.78 2.81
N THR C 31 -3.34 37.91 3.62
CA THR C 31 -2.60 37.22 4.67
C THR C 31 -2.59 35.72 4.40
N THR C 32 -1.47 35.07 4.69
CA THR C 32 -1.35 33.64 4.45
C THR C 32 -2.06 32.82 5.54
N LEU C 33 -2.68 31.72 5.10
CA LEU C 33 -3.40 30.82 5.99
C LEU C 33 -2.60 30.58 7.24
N ALA C 34 -1.30 30.32 7.06
CA ALA C 34 -0.41 30.05 8.16
C ALA C 34 -0.37 31.16 9.20
N ASP C 35 -0.52 32.40 8.75
CA ASP C 35 -0.48 33.56 9.64
C ASP C 35 -1.77 33.78 10.45
N LYS C 36 -2.90 33.55 9.80
CA LYS C 36 -4.19 33.75 10.44
C LYS C 36 -4.78 32.44 10.99
N SER C 37 -3.92 31.47 11.24
CA SER C 37 -4.38 30.20 11.75
C SER C 37 -3.58 29.66 12.90
N CYS C 38 -4.24 28.87 13.72
CA CYS C 38 -3.59 28.20 14.83
C CYS C 38 -4.38 26.92 15.10
N HIS C 39 -3.67 25.91 15.57
CA HIS C 39 -4.26 24.63 15.88
C HIS C 39 -4.08 24.40 17.37
N ILE C 40 -5.17 24.12 18.06
CA ILE C 40 -5.09 23.88 19.49
C ILE C 40 -5.90 22.66 19.95
N VAL C 41 -5.32 21.90 20.87
CA VAL C 41 -5.98 20.74 21.42
C VAL C 41 -6.83 21.23 22.58
N MET C 42 -8.13 20.94 22.56
CA MET C 42 -9.01 21.38 23.64
C MET C 42 -9.55 20.21 24.46
N LEU C 43 -9.68 20.41 25.75
CA LEU C 43 -10.23 19.38 26.61
C LEU C 43 -11.72 19.33 26.33
N ARG C 44 -12.23 18.13 26.10
CA ARG C 44 -13.66 17.96 25.84
C ARG C 44 -14.51 18.56 26.94
N ASP C 45 -14.12 18.36 28.19
CA ASP C 45 -14.91 18.92 29.28
C ASP C 45 -14.38 20.24 29.79
N ALA C 46 -14.14 21.15 28.86
CA ALA C 46 -13.65 22.47 29.19
C ALA C 46 -14.57 23.44 28.46
N TYR C 47 -14.54 24.70 28.85
CA TYR C 47 -15.38 25.68 28.18
C TYR C 47 -14.61 26.42 27.10
N LEU C 48 -15.15 26.44 25.87
CA LEU C 48 -14.52 27.13 24.74
C LEU C 48 -13.89 28.43 25.18
N GLY C 49 -14.56 29.13 26.10
CA GLY C 49 -14.05 30.40 26.60
C GLY C 49 -12.66 30.33 27.16
N PHE C 50 -12.30 29.19 27.76
CA PHE C 50 -10.96 29.05 28.33
C PHE C 50 -9.91 29.35 27.28
N TYR C 51 -10.18 28.94 26.05
CA TYR C 51 -9.21 29.10 24.98
C TYR C 51 -9.25 30.41 24.20
N LEU C 52 -10.34 31.14 24.29
CA LEU C 52 -10.49 32.40 23.56
C LEU C 52 -9.35 33.40 23.69
N PRO C 53 -8.96 33.74 24.93
CA PRO C 53 -7.87 34.71 25.10
C PRO C 53 -6.56 34.20 24.52
N THR C 54 -6.36 32.89 24.59
CA THR C 54 -5.14 32.28 24.08
C THR C 54 -5.11 32.37 22.57
N VAL C 55 -6.22 32.00 21.94
CA VAL C 55 -6.33 32.03 20.49
C VAL C 55 -6.20 33.46 19.99
N VAL C 56 -6.89 34.39 20.67
CA VAL C 56 -6.84 35.79 20.30
C VAL C 56 -5.42 36.33 20.32
N ARG C 57 -4.60 35.86 21.25
CA ARG C 57 -3.20 36.31 21.32
C ARG C 57 -2.41 35.74 20.15
N LYS C 58 -2.54 34.44 19.93
CA LYS C 58 -1.85 33.79 18.83
C LYS C 58 -2.14 34.40 17.47
N LEU C 59 -3.28 35.05 17.32
CA LEU C 59 -3.63 35.60 16.01
C LEU C 59 -3.66 37.13 15.93
N ALA C 60 -3.30 37.81 17.02
CA ALA C 60 -3.28 39.27 17.09
C ALA C 60 -2.78 39.94 15.82
N ASP C 61 -1.51 39.71 15.53
CA ASP C 61 -0.84 40.27 14.36
C ASP C 61 -1.65 40.26 13.08
N THR C 62 -2.47 39.25 12.89
CA THR C 62 -3.26 39.14 11.68
C THR C 62 -4.60 39.87 11.76
N ILE C 63 -4.83 40.56 12.86
CA ILE C 63 -6.09 41.27 13.05
C ILE C 63 -5.98 42.78 12.82
N LYS C 64 -6.72 43.27 11.82
CA LYS C 64 -6.71 44.68 11.45
C LYS C 64 -7.47 45.58 12.43
N VAL C 65 -8.66 45.13 12.82
CA VAL C 65 -9.52 45.86 13.74
C VAL C 65 -8.83 46.04 15.11
N PRO C 66 -9.09 47.18 15.78
CA PRO C 66 -8.50 47.45 17.10
C PRO C 66 -9.39 46.86 18.18
N TYR C 67 -8.81 46.45 19.30
CA TYR C 67 -9.62 45.86 20.36
C TYR C 67 -9.13 46.09 21.79
N GLU C 68 -10.09 46.25 22.69
CA GLU C 68 -9.84 46.49 24.12
C GLU C 68 -9.34 45.25 24.86
N SER C 69 -10.23 44.31 25.13
CA SER C 69 -9.86 43.10 25.85
C SER C 69 -9.73 41.88 24.93
N ASP C 70 -9.37 40.76 25.52
CA ASP C 70 -9.21 39.51 24.78
C ASP C 70 -10.40 38.59 25.04
N TYR C 71 -11.50 39.19 25.50
CA TYR C 71 -12.72 38.45 25.80
C TYR C 71 -13.94 39.15 25.20
N ARG C 72 -14.10 40.42 25.59
CA ARG C 72 -15.22 41.22 25.14
C ARG C 72 -15.31 41.40 23.62
N ASN C 73 -16.48 41.06 23.10
CA ASN C 73 -16.79 41.17 21.68
C ASN C 73 -16.17 40.12 20.78
N TRP C 74 -15.53 39.11 21.37
CA TRP C 74 -14.95 38.04 20.57
C TRP C 74 -15.85 36.82 20.72
N TRP C 75 -15.91 36.00 19.68
CA TRP C 75 -16.70 34.78 19.72
C TRP C 75 -16.26 33.91 18.54
N PHE C 76 -16.57 32.62 18.60
CA PHE C 76 -16.23 31.69 17.54
C PHE C 76 -17.47 31.43 16.72
N GLU C 77 -17.25 31.08 15.46
CA GLU C 77 -18.35 30.76 14.57
C GLU C 77 -17.99 29.45 13.90
N TYR C 78 -19.01 28.66 13.59
CA TYR C 78 -18.82 27.40 12.92
C TYR C 78 -19.85 27.40 11.79
N ASN C 79 -19.37 27.35 10.55
CA ASN C 79 -20.25 27.36 9.39
C ASN C 79 -21.27 28.49 9.42
N GLY C 80 -20.80 29.70 9.73
CA GLY C 80 -21.68 30.84 9.76
C GLY C 80 -22.47 31.08 11.04
N GLU C 81 -22.45 30.16 11.97
CA GLU C 81 -23.21 30.36 13.21
C GLU C 81 -22.34 30.56 14.44
N GLY C 82 -22.68 31.57 15.23
CA GLY C 82 -21.94 31.80 16.47
C GLY C 82 -22.07 30.56 17.34
N VAL C 83 -20.99 30.13 17.98
CA VAL C 83 -21.01 28.95 18.84
C VAL C 83 -21.26 29.39 20.30
N PRO C 84 -22.17 28.69 21.02
CA PRO C 84 -22.50 28.99 22.41
C PRO C 84 -21.47 28.41 23.35
N TRP C 85 -20.48 29.20 23.78
CA TRP C 85 -19.44 28.68 24.69
C TRP C 85 -19.84 28.43 26.15
N GLU C 86 -21.11 28.58 26.49
CA GLU C 86 -21.44 28.34 27.90
C GLU C 86 -21.62 26.83 28.05
N TYR C 87 -21.27 26.10 27.00
CA TYR C 87 -21.36 24.65 27.02
C TYR C 87 -19.96 24.08 26.81
N PRO C 88 -19.71 22.86 27.30
CA PRO C 88 -18.39 22.26 27.11
C PRO C 88 -18.02 21.95 25.66
N CYS C 89 -16.74 22.12 25.34
CA CYS C 89 -16.19 21.89 24.02
C CYS C 89 -16.65 20.62 23.34
N GLY C 90 -16.43 19.50 24.02
CA GLY C 90 -16.81 18.21 23.49
C GLY C 90 -18.27 18.13 23.11
N VAL C 91 -19.14 18.64 23.97
CA VAL C 91 -20.57 18.61 23.69
C VAL C 91 -20.85 19.37 22.39
N LEU C 92 -20.35 20.60 22.32
CA LEU C 92 -20.54 21.46 21.15
C LEU C 92 -20.02 20.83 19.87
N PHE C 93 -18.83 20.24 19.96
CA PHE C 93 -18.22 19.59 18.81
C PHE C 93 -19.10 18.42 18.36
N ASP C 94 -19.57 17.60 19.31
CA ASP C 94 -20.43 16.47 18.93
C ASP C 94 -21.75 17.00 18.38
N LEU C 95 -22.18 18.14 18.89
CA LEU C 95 -23.44 18.74 18.44
C LEU C 95 -23.34 19.30 17.04
N LEU C 96 -22.29 20.08 16.78
CA LEU C 96 -22.12 20.77 15.51
C LEU C 96 -21.32 20.12 14.39
N ASN C 97 -20.34 19.30 14.74
CA ASN C 97 -19.50 18.67 13.72
C ASN C 97 -20.29 18.10 12.54
N LYS C 98 -19.89 18.52 11.33
CA LYS C 98 -20.55 18.08 10.11
C LYS C 98 -19.53 17.93 8.99
N THR C 110 -6.11 7.33 9.11
CA THR C 110 -5.24 8.28 8.41
C THR C 110 -5.74 9.71 8.57
N SER C 111 -7.07 9.86 8.69
CA SER C 111 -7.65 11.19 8.86
C SER C 111 -7.40 11.71 10.29
N LEU C 112 -7.18 13.01 10.40
CA LEU C 112 -6.95 13.66 11.68
C LEU C 112 -8.17 14.52 11.98
N GLN C 113 -8.82 14.21 13.09
CA GLN C 113 -10.01 14.96 13.50
C GLN C 113 -9.69 16.44 13.69
N MET C 114 -10.43 17.31 12.98
CA MET C 114 -10.23 18.75 13.07
C MET C 114 -11.54 19.55 13.01
N TRP C 115 -11.81 20.33 14.05
CA TRP C 115 -13.01 21.15 14.09
C TRP C 115 -12.62 22.58 13.66
N GLU C 116 -13.05 23.00 12.47
CA GLU C 116 -12.71 24.33 12.01
C GLU C 116 -13.60 25.39 12.62
N LEU C 117 -12.98 26.41 13.21
CA LEU C 117 -13.68 27.51 13.83
C LEU C 117 -13.15 28.84 13.36
N GLN C 118 -14.04 29.83 13.26
CA GLN C 118 -13.63 31.16 12.86
C GLN C 118 -13.61 32.05 14.08
N LEU C 119 -12.62 32.93 14.14
CA LEU C 119 -12.53 33.86 15.25
C LEU C 119 -13.16 35.15 14.74
N CYS C 120 -14.19 35.60 15.44
CA CYS C 120 -14.91 36.80 15.05
C CYS C 120 -14.86 37.89 16.12
N HIS C 121 -15.04 39.12 15.67
CA HIS C 121 -15.04 40.27 16.56
C HIS C 121 -16.13 41.22 16.07
N GLY C 122 -16.57 42.15 16.92
CA GLY C 122 -17.60 43.08 16.51
C GLY C 122 -18.34 43.75 17.65
N ASP C 123 -19.23 44.66 17.30
CA ASP C 123 -20.01 45.39 18.30
C ASP C 123 -21.30 44.65 18.63
N LYS C 124 -21.78 43.85 17.69
CA LYS C 124 -23.02 43.11 17.90
C LYS C 124 -22.84 41.59 17.90
N TYR C 125 -22.84 41.01 19.09
CA TYR C 125 -22.71 39.57 19.27
C TYR C 125 -23.82 38.93 18.48
N PRO C 126 -23.56 37.76 17.90
CA PRO C 126 -24.65 37.15 17.16
C PRO C 126 -25.81 36.90 18.10
N ARG C 127 -26.92 36.56 17.48
CA ARG C 127 -28.17 36.32 18.17
C ARG C 127 -28.09 35.21 19.23
N GLY C 128 -28.72 35.42 20.38
CA GLY C 128 -28.74 34.45 21.46
C GLY C 128 -27.38 33.97 21.96
N ILE C 129 -26.30 34.58 21.48
CA ILE C 129 -24.98 34.16 21.93
C ILE C 129 -24.70 34.89 23.22
N LEU C 130 -24.60 34.13 24.30
CA LEU C 130 -24.32 34.71 25.60
C LEU C 130 -22.92 35.31 25.59
N PRO C 131 -22.82 36.64 25.63
CA PRO C 131 -21.54 37.36 25.61
C PRO C 131 -20.56 37.09 26.76
N LEU C 132 -19.31 36.81 26.42
CA LEU C 132 -18.28 36.54 27.42
C LEU C 132 -17.59 37.86 27.73
N VAL C 133 -17.90 38.44 28.88
CA VAL C 133 -17.34 39.71 29.26
C VAL C 133 -16.10 39.69 30.14
N ASP C 134 -16.19 39.03 31.31
CA ASP C 134 -15.06 39.03 32.22
C ASP C 134 -14.16 37.80 32.35
N GLY C 135 -13.58 37.36 31.24
CA GLY C 135 -12.67 36.22 31.24
C GLY C 135 -13.03 34.97 32.02
N HIS C 136 -12.01 34.29 32.53
CA HIS C 136 -12.21 33.06 33.28
C HIS C 136 -13.09 33.32 34.50
N SER C 137 -13.14 34.57 34.93
CA SER C 137 -13.96 34.96 36.07
C SER C 137 -15.39 34.50 35.80
N GLN C 138 -15.95 35.00 34.71
CA GLN C 138 -17.31 34.68 34.31
C GLN C 138 -17.51 33.20 34.06
N ILE C 139 -16.54 32.59 33.39
CA ILE C 139 -16.63 31.17 33.10
C ILE C 139 -16.79 30.36 34.39
N LYS C 140 -15.97 30.68 35.38
CA LYS C 140 -16.04 29.99 36.67
C LYS C 140 -17.43 30.15 37.29
N ASP C 141 -17.87 31.40 37.39
CA ASP C 141 -19.17 31.71 37.95
C ASP C 141 -20.27 30.98 37.21
N TYR C 142 -20.22 30.97 35.88
CA TYR C 142 -21.26 30.25 35.15
C TYR C 142 -21.19 28.77 35.50
N TRP C 143 -19.97 28.28 35.68
CA TRP C 143 -19.75 26.88 36.01
C TRP C 143 -20.42 26.50 37.34
N ARG C 144 -20.15 27.28 38.38
CA ARG C 144 -20.74 27.04 39.69
C ARG C 144 -22.24 26.84 39.59
N HIS C 145 -22.92 27.96 39.37
CA HIS C 145 -24.38 27.98 39.25
C HIS C 145 -24.95 26.82 38.44
N GLN C 146 -24.13 26.21 37.60
CA GLN C 146 -24.61 25.10 36.79
C GLN C 146 -24.55 23.83 37.63
N TRP C 147 -23.48 23.68 38.41
CA TRP C 147 -23.32 22.52 39.29
C TRP C 147 -24.48 22.56 40.28
N LYS C 148 -24.63 23.69 40.96
CA LYS C 148 -25.69 23.84 41.95
C LYS C 148 -26.95 23.17 41.42
N GLN C 149 -27.23 23.41 40.14
CA GLN C 149 -28.39 22.86 39.50
C GLN C 149 -28.33 21.34 39.32
N ALA C 150 -27.23 20.81 38.78
CA ALA C 150 -27.12 19.37 38.58
C ALA C 150 -27.22 18.75 39.97
N CYS C 151 -26.62 19.46 40.91
CA CYS C 151 -26.58 19.09 42.31
C CYS C 151 -27.98 18.66 42.77
N PHE C 152 -28.88 19.63 42.83
CA PHE C 152 -30.25 19.40 43.27
C PHE C 152 -30.94 18.31 42.48
N ILE C 153 -30.97 18.44 41.15
CA ILE C 153 -31.62 17.44 40.30
C ILE C 153 -31.41 16.00 40.79
N LEU C 154 -30.23 15.74 41.36
CA LEU C 154 -29.90 14.42 41.89
C LEU C 154 -30.25 14.31 43.37
N SER C 163 -22.64 23.10 51.79
CA SER C 163 -21.82 22.06 52.41
C SER C 163 -20.34 22.41 52.34
N LEU C 164 -19.87 22.71 51.13
CA LEU C 164 -18.47 23.07 50.89
C LEU C 164 -18.24 24.58 51.05
N SER C 165 -17.17 24.93 51.75
CA SER C 165 -16.82 26.33 51.98
C SER C 165 -16.63 27.07 50.66
N ILE C 166 -16.48 28.40 50.72
CA ILE C 166 -16.27 29.20 49.52
C ILE C 166 -14.97 28.80 48.85
N PRO C 167 -13.86 29.00 49.57
CA PRO C 167 -12.54 28.65 49.06
C PRO C 167 -12.49 27.16 48.82
N ASP C 168 -13.26 26.42 49.62
CA ASP C 168 -13.32 24.98 49.50
C ASP C 168 -13.85 24.63 48.13
N PHE C 169 -14.63 25.55 47.56
CA PHE C 169 -15.23 25.34 46.26
C PHE C 169 -14.26 25.61 45.12
N GLU C 170 -13.49 26.70 45.21
CA GLU C 170 -12.53 27.00 44.16
C GLU C 170 -11.54 25.85 44.10
N ASN C 171 -11.45 25.12 45.20
CA ASN C 171 -10.58 23.96 45.28
C ASN C 171 -11.08 22.96 44.25
N PHE C 172 -12.40 22.92 44.11
CA PHE C 172 -13.08 22.05 43.16
C PHE C 172 -12.79 22.57 41.75
N TRP C 173 -12.72 23.89 41.63
CA TRP C 173 -12.44 24.57 40.37
C TRP C 173 -11.02 24.18 39.93
N VAL C 174 -10.06 24.52 40.78
CA VAL C 174 -8.66 24.25 40.53
C VAL C 174 -8.38 22.79 40.16
N SER C 175 -9.16 21.86 40.70
CA SER C 175 -8.95 20.44 40.41
C SER C 175 -9.07 20.23 38.91
N ILE C 176 -10.00 20.97 38.29
CA ILE C 176 -10.21 20.90 36.85
C ILE C 176 -9.06 21.60 36.14
N LEU C 177 -8.87 22.88 36.46
CA LEU C 177 -7.80 23.66 35.85
C LEU C 177 -6.44 23.01 35.99
N SER C 178 -6.30 22.13 36.97
CA SER C 178 -5.01 21.46 37.19
C SER C 178 -4.97 20.03 36.67
N ARG C 179 -6.11 19.52 36.19
CA ARG C 179 -6.18 18.17 35.66
C ARG C 179 -5.90 17.10 36.71
N ASN C 180 -6.16 17.42 37.97
CA ASN C 180 -5.96 16.47 39.07
C ASN C 180 -7.23 15.61 39.13
N ARG C 181 -7.22 14.45 38.48
CA ARG C 181 -8.41 13.62 38.49
C ARG C 181 -8.86 13.22 39.89
N SER C 182 -7.96 12.59 40.65
CA SER C 182 -8.26 12.14 42.01
C SER C 182 -8.99 13.22 42.80
N ASP C 183 -8.44 14.43 42.82
CA ASP C 183 -9.03 15.54 43.53
C ASP C 183 -10.37 16.02 42.98
N PHE C 184 -10.78 15.49 41.82
CA PHE C 184 -12.04 15.91 41.26
C PHE C 184 -13.17 15.21 41.99
N MET C 185 -13.18 13.88 41.91
CA MET C 185 -14.22 13.11 42.58
C MET C 185 -14.33 13.50 44.04
N ALA C 186 -13.19 13.87 44.63
CA ALA C 186 -13.15 14.31 46.02
C ALA C 186 -14.28 15.30 46.28
N VAL C 187 -14.28 16.41 45.55
CA VAL C 187 -15.32 17.42 45.72
C VAL C 187 -16.60 17.01 44.99
N SER C 193 -23.36 11.36 45.28
CA SER C 193 -23.31 9.93 45.54
C SER C 193 -24.01 9.15 44.43
N MET C 194 -23.22 8.63 43.48
CA MET C 194 -23.76 7.86 42.37
C MET C 194 -24.58 6.67 42.86
N ASN C 195 -24.42 6.34 44.14
CA ASN C 195 -25.15 5.22 44.74
C ASN C 195 -26.58 5.64 45.09
N LYS C 196 -26.71 6.65 45.96
CA LYS C 196 -28.02 7.14 46.37
C LYS C 196 -28.40 8.35 45.51
N ALA C 197 -29.07 8.08 44.40
CA ALA C 197 -29.48 9.15 43.47
C ALA C 197 -30.92 9.02 42.98
N LYS C 198 -31.69 10.09 43.15
CA LYS C 198 -33.09 10.11 42.74
C LYS C 198 -33.24 10.30 41.23
N SER C 199 -32.92 11.50 40.75
CA SER C 199 -33.01 11.84 39.33
C SER C 199 -31.69 12.40 38.80
N LEU C 200 -31.20 11.85 37.69
CA LEU C 200 -29.94 12.28 37.10
C LEU C 200 -30.07 13.42 36.08
N PRO C 201 -29.25 14.49 36.25
CA PRO C 201 -29.24 15.68 35.37
C PRO C 201 -28.78 15.37 33.94
N VAL C 202 -29.70 14.89 33.11
CA VAL C 202 -29.39 14.56 31.72
C VAL C 202 -29.91 15.64 30.78
N ARG C 203 -29.13 15.98 29.76
CA ARG C 203 -29.53 16.98 28.78
C ARG C 203 -29.48 16.39 27.39
N VAL C 204 -30.49 16.67 26.59
CA VAL C 204 -30.53 16.13 25.24
C VAL C 204 -30.55 17.25 24.23
N TRP C 205 -29.75 17.12 23.19
CA TRP C 205 -29.72 18.13 22.14
C TRP C 205 -30.56 17.55 21.01
N THR C 206 -31.41 18.39 20.44
CA THR C 206 -32.27 17.97 19.34
C THR C 206 -31.53 18.10 18.03
N SER C 207 -32.15 17.60 16.96
CA SER C 207 -31.56 17.70 15.64
C SER C 207 -31.46 19.17 15.20
N ASN C 208 -32.44 19.99 15.56
CA ASN C 208 -32.36 21.40 15.18
C ASN C 208 -31.58 22.23 16.20
N TYR C 209 -30.82 21.55 17.05
CA TYR C 209 -29.96 22.19 18.03
C TYR C 209 -30.63 22.90 19.19
N ALA C 210 -31.65 22.28 19.76
CA ALA C 210 -32.31 22.85 20.91
C ALA C 210 -31.90 21.97 22.09
N VAL C 211 -32.04 22.46 23.32
CA VAL C 211 -31.63 21.68 24.47
C VAL C 211 -32.77 21.21 25.38
N LEU C 212 -33.01 19.90 25.39
CA LEU C 212 -34.03 19.32 26.24
C LEU C 212 -33.36 18.90 27.52
N GLN C 213 -34.01 19.13 28.65
CA GLN C 213 -33.44 18.75 29.95
C GLN C 213 -34.47 17.98 30.77
N PRO C 214 -34.81 16.77 30.33
CA PRO C 214 -35.78 15.91 31.00
C PRO C 214 -35.34 15.48 32.40
N THR C 215 -36.30 15.47 33.33
CA THR C 215 -36.00 15.04 34.68
C THR C 215 -36.16 13.52 34.65
N VAL C 216 -35.10 12.80 35.03
CA VAL C 216 -35.12 11.35 35.01
C VAL C 216 -34.79 10.71 36.35
N PRO C 217 -35.77 10.04 36.98
CA PRO C 217 -35.62 9.37 38.28
C PRO C 217 -34.96 7.99 38.13
N VAL C 218 -34.62 7.35 39.25
CA VAL C 218 -33.98 6.03 39.22
C VAL C 218 -34.94 4.85 39.35
N THR C 219 -34.76 3.85 38.50
CA THR C 219 -35.59 2.66 38.49
C THR C 219 -34.74 1.39 38.47
N LEU C 223 -34.04 4.10 33.96
CA LEU C 223 -34.46 4.19 32.56
C LEU C 223 -33.44 3.53 31.64
N SER C 224 -33.72 3.57 30.33
CA SER C 224 -32.82 2.99 29.34
C SER C 224 -32.52 4.06 28.30
N VAL C 225 -31.50 3.83 27.48
CA VAL C 225 -31.15 4.80 26.45
C VAL C 225 -32.36 5.06 25.55
N ALA C 226 -32.91 4.00 24.99
CA ALA C 226 -34.07 4.11 24.11
C ALA C 226 -35.27 4.74 24.82
N GLU C 227 -35.33 4.59 26.14
CA GLU C 227 -36.42 5.13 26.93
C GLU C 227 -36.60 6.65 26.78
N LEU C 228 -35.69 7.43 27.36
CA LEU C 228 -35.79 8.88 27.28
C LEU C 228 -36.10 9.38 25.89
N LEU C 229 -35.56 8.69 24.89
CA LEU C 229 -35.80 9.07 23.51
C LEU C 229 -37.31 9.12 23.32
N ASP C 230 -37.98 8.00 23.57
CA ASP C 230 -39.44 7.93 23.44
C ASP C 230 -40.13 8.78 24.51
N SER C 231 -39.46 8.97 25.64
CA SER C 231 -40.02 9.76 26.72
C SER C 231 -40.49 11.14 26.27
N ILE C 232 -39.62 11.88 25.59
CA ILE C 232 -39.95 13.21 25.10
C ILE C 232 -40.19 13.19 23.59
N LYS C 233 -40.30 11.98 23.04
CA LYS C 233 -40.56 11.75 21.62
C LYS C 233 -39.39 12.11 20.72
N LEU C 234 -38.27 11.43 20.91
CA LEU C 234 -37.06 11.67 20.13
C LEU C 234 -36.34 10.38 19.73
N SER C 235 -36.98 9.59 18.86
CA SER C 235 -36.38 8.34 18.37
C SER C 235 -36.34 8.39 16.84
N SER C 236 -35.88 7.31 16.21
CA SER C 236 -35.79 7.27 14.74
C SER C 236 -35.25 5.95 14.21
N VAL C 239 -31.78 5.15 13.50
CA VAL C 239 -31.04 5.70 14.63
C VAL C 239 -30.94 4.65 15.73
N LYS C 240 -29.77 4.04 15.85
CA LYS C 240 -29.54 3.02 16.87
C LYS C 240 -28.39 3.41 17.80
N SER C 241 -28.06 4.69 17.83
CA SER C 241 -26.97 5.18 18.68
C SER C 241 -27.08 6.65 19.07
N VAL C 242 -26.78 6.93 20.34
CA VAL C 242 -26.80 8.29 20.88
C VAL C 242 -25.35 8.69 21.16
N ILE C 243 -24.95 9.91 20.82
CA ILE C 243 -23.57 10.34 21.06
C ILE C 243 -23.36 10.91 22.45
N ILE C 244 -22.28 10.48 23.10
CA ILE C 244 -21.94 10.96 24.44
C ILE C 244 -20.43 11.01 24.57
N GLN C 245 -19.93 12.09 25.17
CA GLN C 245 -18.50 12.28 25.35
C GLN C 245 -17.71 11.84 24.12
N GLY C 246 -18.26 12.14 22.94
CA GLY C 246 -17.62 11.81 21.69
C GLY C 246 -17.80 10.39 21.18
N ILE C 247 -18.22 9.49 22.06
CA ILE C 247 -18.41 8.10 21.66
C ILE C 247 -19.88 7.73 21.42
N ASP C 248 -20.12 6.95 20.36
CA ASP C 248 -21.46 6.54 19.97
C ASP C 248 -22.03 5.41 20.83
N VAL C 249 -22.62 5.74 21.97
CA VAL C 249 -23.19 4.71 22.83
C VAL C 249 -24.47 4.17 22.17
N SER C 250 -24.65 2.85 22.21
CA SER C 250 -25.84 2.23 21.61
C SER C 250 -27.06 2.65 22.43
N ILE C 251 -28.19 2.82 21.74
CA ILE C 251 -29.43 3.24 22.40
C ILE C 251 -29.94 2.21 23.38
N GLU C 252 -29.21 1.11 23.51
CA GLU C 252 -29.62 0.05 24.42
C GLU C 252 -29.02 0.16 25.84
N ASP C 253 -28.01 1.03 26.02
CA ASP C 253 -27.34 1.18 27.33
C ASP C 253 -28.22 1.70 28.47
N ASN C 254 -27.68 1.63 29.68
CA ASN C 254 -28.37 2.06 30.88
C ASN C 254 -28.02 3.47 31.33
N ILE C 255 -28.91 4.40 31.03
CA ILE C 255 -28.71 5.80 31.41
C ILE C 255 -28.30 5.92 32.87
N PHE C 256 -28.85 5.04 33.70
CA PHE C 256 -28.56 5.03 35.13
C PHE C 256 -27.09 5.26 35.41
N GLU C 257 -26.25 4.37 34.88
CA GLU C 257 -24.81 4.43 35.06
C GLU C 257 -24.11 5.45 34.18
N LEU C 258 -24.56 5.59 32.93
CA LEU C 258 -23.95 6.54 32.01
C LEU C 258 -23.64 7.87 32.66
N TYR C 259 -24.53 8.33 33.54
CA TYR C 259 -24.28 9.59 34.21
C TYR C 259 -23.06 9.45 35.12
N ASP C 260 -23.07 8.38 35.90
CA ASP C 260 -22.01 8.05 36.84
C ASP C 260 -20.62 8.31 36.30
N ILE C 261 -20.39 7.89 35.06
CA ILE C 261 -19.09 8.02 34.42
C ILE C 261 -18.93 9.16 33.39
N PHE C 262 -19.80 9.17 32.39
CA PHE C 262 -19.77 10.13 31.29
C PHE C 262 -20.25 11.55 31.53
N ALA C 263 -20.54 11.89 32.77
CA ALA C 263 -21.01 13.24 33.06
C ALA C 263 -19.92 14.29 32.83
N SER C 264 -20.27 15.32 32.07
CA SER C 264 -19.34 16.40 31.78
C SER C 264 -19.02 17.13 33.08
N ILE C 265 -17.95 17.92 33.09
CA ILE C 265 -17.57 18.63 34.31
C ILE C 265 -18.57 19.67 34.78
N ASP C 266 -19.75 19.70 34.19
CA ASP C 266 -20.76 20.66 34.63
C ASP C 266 -21.86 19.93 35.38
N GLY C 267 -21.61 18.66 35.69
CA GLY C 267 -22.58 17.88 36.42
C GLY C 267 -23.62 17.20 35.55
N PHE C 268 -23.92 17.76 34.38
CA PHE C 268 -24.91 17.14 33.53
C PHE C 268 -24.32 16.16 32.55
N LEU C 269 -25.16 15.25 32.08
CA LEU C 269 -24.74 14.26 31.10
C LEU C 269 -25.36 14.78 29.80
N TYR C 270 -24.57 14.92 28.75
CA TYR C 270 -25.11 15.42 27.50
C TYR C 270 -25.27 14.32 26.49
N LEU C 271 -26.42 14.33 25.83
CA LEU C 271 -26.70 13.34 24.81
C LEU C 271 -27.05 14.08 23.53
N VAL C 272 -26.32 13.79 22.45
CA VAL C 272 -26.59 14.43 21.18
C VAL C 272 -27.29 13.42 20.29
N THR C 273 -28.46 13.79 19.77
CA THR C 273 -29.22 12.90 18.92
C THR C 273 -28.89 13.09 17.45
N MET D 4 -3.56 -35.09 -39.21
CA MET D 4 -4.07 -33.96 -38.40
C MET D 4 -5.54 -34.20 -38.02
N GLU D 5 -6.39 -34.38 -39.03
CA GLU D 5 -7.80 -34.64 -38.78
C GLU D 5 -7.91 -35.96 -38.04
N GLU D 6 -6.95 -36.85 -38.29
CA GLU D 6 -6.94 -38.14 -37.62
C GLU D 6 -6.95 -37.91 -36.12
N LEU D 7 -6.05 -37.04 -35.67
CA LEU D 7 -5.92 -36.70 -34.26
C LEU D 7 -7.20 -36.06 -33.72
N ARG D 8 -7.69 -35.02 -34.38
CA ARG D 8 -8.91 -34.34 -33.91
C ARG D 8 -10.09 -35.29 -33.75
N GLU D 9 -10.19 -36.27 -34.65
CA GLU D 9 -11.27 -37.25 -34.60
C GLU D 9 -11.08 -38.26 -33.48
N ARG D 10 -9.86 -38.76 -33.33
CA ARG D 10 -9.59 -39.73 -32.27
C ARG D 10 -9.80 -39.10 -30.89
N VAL D 11 -9.48 -37.82 -30.75
CA VAL D 11 -9.65 -37.12 -29.49
C VAL D 11 -11.13 -37.13 -29.13
N TRP D 12 -11.96 -36.78 -30.10
CA TRP D 12 -13.40 -36.72 -29.93
C TRP D 12 -13.99 -38.09 -29.62
N ASN D 13 -13.28 -39.15 -29.99
CA ASN D 13 -13.75 -40.50 -29.75
C ASN D 13 -12.97 -41.18 -28.63
N GLY D 14 -12.10 -40.41 -27.96
CA GLY D 14 -11.31 -40.96 -26.88
C GLY D 14 -12.17 -41.60 -25.80
N THR D 15 -11.77 -42.81 -25.39
CA THR D 15 -12.47 -43.54 -24.35
C THR D 15 -11.60 -44.05 -23.21
N ILE D 16 -12.29 -44.45 -22.15
CA ILE D 16 -11.71 -44.96 -20.93
C ILE D 16 -12.47 -46.21 -20.49
N ASN D 17 -11.76 -47.18 -19.95
CA ASN D 17 -12.38 -48.40 -19.47
C ASN D 17 -12.58 -48.22 -17.98
N VAL D 18 -13.83 -48.27 -17.55
CA VAL D 18 -14.18 -48.10 -16.15
C VAL D 18 -14.85 -49.33 -15.57
N GLU D 19 -14.55 -49.62 -14.31
CA GLU D 19 -15.15 -50.75 -13.61
C GLU D 19 -15.80 -50.15 -12.37
N VAL D 20 -17.12 -50.21 -12.31
CA VAL D 20 -17.81 -49.65 -11.17
C VAL D 20 -18.25 -50.76 -10.22
N VAL D 21 -17.92 -50.59 -8.94
CA VAL D 21 -18.26 -51.56 -7.91
C VAL D 21 -19.12 -50.91 -6.84
N VAL D 22 -20.21 -51.55 -6.44
CA VAL D 22 -21.05 -51.00 -5.37
C VAL D 22 -20.20 -50.94 -4.08
N SER D 23 -20.11 -49.77 -3.46
CA SER D 23 -19.32 -49.64 -2.24
C SER D 23 -19.89 -50.48 -1.08
N ASP D 24 -18.99 -50.94 -0.21
CA ASP D 24 -19.33 -51.78 0.94
C ASP D 24 -20.49 -51.30 1.78
N ALA D 25 -20.55 -49.98 2.00
CA ALA D 25 -21.60 -49.37 2.80
C ALA D 25 -23.02 -49.50 2.30
N ILE D 26 -23.22 -49.75 1.00
CA ILE D 26 -24.59 -49.82 0.50
C ILE D 26 -24.97 -51.08 -0.26
N VAL D 27 -24.01 -51.95 -0.52
CA VAL D 27 -24.29 -53.17 -1.27
C VAL D 27 -25.08 -54.19 -0.43
N VAL D 28 -25.99 -54.96 -1.03
CA VAL D 28 -26.68 -55.98 -0.25
C VAL D 28 -25.54 -56.90 0.13
N PRO D 29 -25.43 -57.25 1.41
CA PRO D 29 -24.36 -58.12 1.91
C PRO D 29 -24.18 -59.47 1.21
N ASN D 30 -22.92 -59.88 1.08
CA ASN D 30 -22.56 -61.18 0.53
C ASN D 30 -22.92 -61.39 -0.92
N THR D 31 -22.85 -60.31 -1.68
CA THR D 31 -23.12 -60.37 -3.09
C THR D 31 -21.82 -60.74 -3.76
N THR D 32 -21.89 -61.54 -4.82
CA THR D 32 -20.69 -61.94 -5.53
C THR D 32 -20.01 -60.70 -6.13
N LEU D 33 -18.70 -60.76 -6.34
CA LEU D 33 -18.00 -59.61 -6.90
C LEU D 33 -18.58 -59.26 -8.26
N ALA D 34 -18.86 -60.31 -9.05
CA ALA D 34 -19.43 -60.16 -10.37
C ALA D 34 -20.76 -59.40 -10.34
N ASP D 35 -21.69 -59.83 -9.50
CA ASP D 35 -22.99 -59.17 -9.41
C ASP D 35 -22.99 -57.70 -8.97
N LYS D 36 -21.97 -57.25 -8.27
CA LYS D 36 -21.98 -55.86 -7.81
C LYS D 36 -21.04 -54.96 -8.61
N SER D 37 -20.57 -55.48 -9.73
CA SER D 37 -19.66 -54.73 -10.60
C SER D 37 -20.19 -54.65 -12.02
N CYS D 38 -19.76 -53.61 -12.73
CA CYS D 38 -20.13 -53.48 -14.13
C CYS D 38 -19.03 -52.70 -14.82
N HIS D 39 -18.77 -53.08 -16.07
CA HIS D 39 -17.74 -52.44 -16.86
C HIS D 39 -18.39 -51.54 -17.90
N ILE D 40 -17.97 -50.29 -17.97
CA ILE D 40 -18.52 -49.41 -18.99
C ILE D 40 -17.42 -48.65 -19.67
N VAL D 41 -17.60 -48.43 -20.97
CA VAL D 41 -16.64 -47.69 -21.75
C VAL D 41 -17.12 -46.25 -21.70
N MET D 42 -16.31 -45.36 -21.13
CA MET D 42 -16.71 -43.96 -21.05
C MET D 42 -15.94 -43.12 -22.03
N LEU D 43 -16.60 -42.09 -22.52
CA LEU D 43 -15.96 -41.16 -23.45
C LEU D 43 -15.12 -40.23 -22.61
N ARG D 44 -13.85 -40.08 -22.97
CA ARG D 44 -12.94 -39.20 -22.26
C ARG D 44 -13.51 -37.81 -22.18
N ASP D 45 -14.13 -37.36 -23.28
CA ASP D 45 -14.69 -36.02 -23.31
C ASP D 45 -16.17 -36.02 -22.97
N ALA D 46 -16.45 -36.33 -21.73
CA ALA D 46 -17.82 -36.36 -21.21
C ALA D 46 -17.70 -36.19 -19.71
N TYR D 47 -18.84 -36.14 -19.03
CA TYR D 47 -18.90 -35.97 -17.59
C TYR D 47 -19.37 -37.27 -16.90
N LEU D 48 -18.68 -37.67 -15.83
CA LEU D 48 -19.08 -38.88 -15.11
C LEU D 48 -20.57 -38.91 -14.87
N GLY D 49 -21.12 -37.73 -14.54
CA GLY D 49 -22.55 -37.65 -14.31
C GLY D 49 -23.42 -38.28 -15.38
N PHE D 50 -22.95 -38.33 -16.63
CA PHE D 50 -23.73 -38.92 -17.71
C PHE D 50 -23.96 -40.40 -17.50
N TYR D 51 -23.01 -41.05 -16.83
CA TYR D 51 -23.09 -42.48 -16.60
C TYR D 51 -23.74 -42.92 -15.29
N LEU D 52 -23.88 -42.00 -14.34
CA LEU D 52 -24.45 -42.28 -13.03
C LEU D 52 -25.75 -43.08 -13.07
N PRO D 53 -26.81 -42.55 -13.69
CA PRO D 53 -28.05 -43.32 -13.73
C PRO D 53 -27.91 -44.69 -14.36
N THR D 54 -26.96 -44.81 -15.28
CA THR D 54 -26.75 -46.07 -15.98
C THR D 54 -26.17 -47.14 -15.06
N VAL D 55 -25.19 -46.73 -14.26
CA VAL D 55 -24.54 -47.65 -13.34
C VAL D 55 -25.51 -48.01 -12.22
N VAL D 56 -26.22 -47.01 -11.71
CA VAL D 56 -27.20 -47.23 -10.66
C VAL D 56 -28.25 -48.20 -11.18
N ARG D 57 -28.50 -48.15 -12.48
CA ARG D 57 -29.49 -49.03 -13.06
C ARG D 57 -28.94 -50.43 -13.11
N LYS D 58 -27.76 -50.58 -13.68
CA LYS D 58 -27.13 -51.89 -13.81
C LYS D 58 -26.92 -52.57 -12.48
N LEU D 59 -26.53 -51.80 -11.47
CA LEU D 59 -26.23 -52.35 -10.15
C LEU D 59 -27.37 -52.31 -9.14
N ALA D 60 -28.54 -51.87 -9.58
CA ALA D 60 -29.72 -51.75 -8.72
C ALA D 60 -30.03 -52.90 -7.74
N ASP D 61 -30.14 -54.12 -8.24
CA ASP D 61 -30.46 -55.27 -7.37
C ASP D 61 -29.38 -55.58 -6.37
N THR D 62 -28.32 -54.79 -6.39
CA THR D 62 -27.21 -55.02 -5.50
C THR D 62 -27.08 -53.93 -4.47
N ILE D 63 -27.96 -52.95 -4.55
CA ILE D 63 -27.93 -51.85 -3.60
C ILE D 63 -29.03 -52.11 -2.55
N LYS D 64 -28.68 -52.03 -1.28
CA LYS D 64 -29.63 -52.30 -0.20
C LYS D 64 -30.30 -51.05 0.35
N VAL D 65 -29.60 -49.94 0.33
CA VAL D 65 -30.18 -48.72 0.85
C VAL D 65 -31.29 -48.27 -0.08
N PRO D 66 -32.32 -47.61 0.46
CA PRO D 66 -33.39 -47.15 -0.43
C PRO D 66 -32.96 -45.78 -0.97
N TYR D 67 -33.34 -45.46 -2.21
CA TYR D 67 -32.97 -44.16 -2.74
C TYR D 67 -34.08 -43.47 -3.48
N GLU D 68 -34.06 -42.15 -3.39
CA GLU D 68 -35.03 -41.27 -4.02
C GLU D 68 -34.89 -41.33 -5.54
N SER D 69 -33.74 -40.91 -6.05
CA SER D 69 -33.49 -40.89 -7.49
C SER D 69 -32.17 -41.51 -7.89
N ASP D 70 -31.90 -41.43 -9.20
CA ASP D 70 -30.67 -41.93 -9.80
C ASP D 70 -29.63 -40.83 -9.78
N TYR D 71 -29.98 -39.69 -9.19
CA TYR D 71 -29.07 -38.54 -9.13
C TYR D 71 -28.79 -38.02 -7.74
N ARG D 72 -29.85 -37.60 -7.06
CA ARG D 72 -29.70 -37.06 -5.72
C ARG D 72 -28.99 -38.05 -4.78
N ASN D 73 -27.98 -37.54 -4.08
CA ASN D 73 -27.22 -38.32 -3.11
C ASN D 73 -26.28 -39.41 -3.62
N TRP D 74 -25.91 -39.40 -4.90
CA TRP D 74 -24.98 -40.40 -5.41
C TRP D 74 -23.69 -39.71 -5.76
N TRP D 75 -22.61 -40.46 -5.82
CA TRP D 75 -21.30 -39.95 -6.19
C TRP D 75 -20.36 -41.13 -6.38
N PHE D 76 -19.22 -40.89 -7.00
CA PHE D 76 -18.23 -41.92 -7.25
C PHE D 76 -16.98 -41.69 -6.40
N GLU D 77 -16.28 -42.78 -6.08
CA GLU D 77 -15.08 -42.67 -5.30
C GLU D 77 -13.91 -43.45 -5.90
N TYR D 78 -12.70 -42.90 -5.74
CA TYR D 78 -11.51 -43.58 -6.20
C TYR D 78 -10.53 -43.57 -5.04
N ASN D 79 -10.09 -44.76 -4.63
CA ASN D 79 -9.18 -44.88 -3.49
C ASN D 79 -9.72 -44.17 -2.26
N GLY D 80 -11.01 -44.29 -2.02
CA GLY D 80 -11.63 -43.66 -0.86
C GLY D 80 -11.96 -42.17 -0.96
N GLU D 81 -11.50 -41.50 -2.01
CA GLU D 81 -11.78 -40.07 -2.18
C GLU D 81 -12.90 -39.85 -3.22
N GLY D 82 -13.77 -38.89 -2.95
CA GLY D 82 -14.85 -38.62 -3.88
C GLY D 82 -14.32 -38.04 -5.18
N VAL D 83 -14.94 -38.40 -6.29
CA VAL D 83 -14.51 -37.90 -7.59
C VAL D 83 -15.29 -36.65 -7.98
N PRO D 84 -14.59 -35.55 -8.26
CA PRO D 84 -15.29 -34.32 -8.63
C PRO D 84 -15.79 -34.55 -10.05
N TRP D 85 -17.09 -34.81 -10.21
CA TRP D 85 -17.57 -35.05 -11.55
C TRP D 85 -17.84 -33.83 -12.44
N GLU D 86 -17.48 -32.63 -11.99
CA GLU D 86 -17.69 -31.45 -12.83
C GLU D 86 -16.57 -31.34 -13.86
N TYR D 87 -15.66 -32.31 -13.87
CA TYR D 87 -14.59 -32.28 -14.84
C TYR D 87 -14.74 -33.45 -15.78
N PRO D 88 -14.34 -33.28 -17.04
CA PRO D 88 -14.49 -34.41 -17.95
C PRO D 88 -13.76 -35.68 -17.48
N CYS D 89 -14.45 -36.81 -17.67
CA CYS D 89 -13.97 -38.15 -17.31
C CYS D 89 -12.52 -38.37 -17.63
N GLY D 90 -12.13 -37.99 -18.84
CA GLY D 90 -10.75 -38.19 -19.26
C GLY D 90 -9.74 -37.44 -18.42
N VAL D 91 -10.07 -36.19 -18.09
CA VAL D 91 -9.19 -35.36 -17.29
C VAL D 91 -9.01 -36.01 -15.91
N LEU D 92 -10.12 -36.44 -15.33
CA LEU D 92 -10.11 -37.10 -14.02
C LEU D 92 -9.26 -38.37 -14.02
N PHE D 93 -9.43 -39.19 -15.07
CA PHE D 93 -8.71 -40.45 -15.27
C PHE D 93 -7.21 -40.20 -15.36
N ASP D 94 -6.83 -39.19 -16.13
CA ASP D 94 -5.43 -38.84 -16.27
C ASP D 94 -4.91 -38.27 -14.96
N LEU D 95 -5.80 -37.64 -14.22
CA LEU D 95 -5.44 -37.02 -12.95
C LEU D 95 -5.34 -38.00 -11.79
N LEU D 96 -6.21 -39.00 -11.78
CA LEU D 96 -6.25 -39.93 -10.66
C LEU D 96 -5.75 -41.36 -10.82
N ASN D 97 -5.91 -41.96 -12.00
CA ASN D 97 -5.49 -43.36 -12.20
C ASN D 97 -4.01 -43.65 -11.98
N LYS D 98 -3.75 -44.83 -11.42
CA LYS D 98 -2.40 -45.30 -11.12
C LYS D 98 -1.39 -44.92 -12.20
N LEU D 112 -5.38 -50.01 -22.03
CA LEU D 112 -6.54 -50.75 -21.52
C LEU D 112 -6.48 -50.89 -20.00
N GLN D 113 -6.06 -49.82 -19.33
CA GLN D 113 -5.95 -49.82 -17.87
C GLN D 113 -7.28 -49.43 -17.23
N MET D 114 -8.00 -50.43 -16.74
CA MET D 114 -9.30 -50.24 -16.11
C MET D 114 -9.20 -49.28 -14.94
N TRP D 115 -10.14 -48.35 -14.86
CA TRP D 115 -10.17 -47.39 -13.78
C TRP D 115 -11.28 -47.88 -12.87
N GLU D 116 -10.95 -48.31 -11.66
CA GLU D 116 -11.98 -48.81 -10.75
C GLU D 116 -12.55 -47.76 -9.84
N LEU D 117 -13.87 -47.66 -9.85
CA LEU D 117 -14.59 -46.67 -9.06
C LEU D 117 -15.59 -47.37 -8.15
N GLN D 118 -16.02 -46.67 -7.10
CA GLN D 118 -17.02 -47.22 -6.19
C GLN D 118 -18.28 -46.38 -6.32
N LEU D 119 -19.42 -47.04 -6.37
CA LEU D 119 -20.68 -46.31 -6.46
C LEU D 119 -21.11 -46.12 -5.00
N CYS D 120 -21.18 -44.86 -4.57
CA CYS D 120 -21.55 -44.53 -3.20
C CYS D 120 -22.85 -43.75 -3.13
N HIS D 121 -23.50 -43.81 -1.98
CA HIS D 121 -24.75 -43.12 -1.77
C HIS D 121 -24.75 -42.73 -0.29
N GLY D 122 -25.57 -41.75 0.05
CA GLY D 122 -25.66 -41.30 1.42
C GLY D 122 -26.28 -39.92 1.55
N ASP D 123 -26.44 -39.45 2.77
CA ASP D 123 -27.04 -38.14 2.97
C ASP D 123 -25.99 -37.05 3.00
N LYS D 124 -24.77 -37.41 3.37
CA LYS D 124 -23.68 -36.45 3.43
C LYS D 124 -22.63 -36.71 2.35
N TYR D 125 -22.61 -35.83 1.35
CA TYR D 125 -21.65 -35.93 0.24
C TYR D 125 -20.24 -35.77 0.76
N PRO D 126 -19.27 -36.27 0.00
CA PRO D 126 -17.93 -36.08 0.51
C PRO D 126 -17.56 -34.63 0.36
N ARG D 127 -16.74 -34.20 1.28
CA ARG D 127 -16.21 -32.85 1.36
C ARG D 127 -15.83 -32.21 0.00
N GLY D 128 -16.33 -31.01 -0.24
CA GLY D 128 -16.05 -30.28 -1.47
C GLY D 128 -16.55 -30.87 -2.79
N ILE D 129 -17.51 -31.78 -2.73
CA ILE D 129 -18.04 -32.40 -3.95
C ILE D 129 -19.38 -31.76 -4.26
N LEU D 130 -19.51 -31.25 -5.48
CA LEU D 130 -20.76 -30.63 -5.89
C LEU D 130 -21.80 -31.70 -6.06
N PRO D 131 -22.81 -31.71 -5.18
CA PRO D 131 -23.86 -32.72 -5.29
C PRO D 131 -24.66 -32.60 -6.60
N LEU D 132 -24.61 -33.64 -7.42
CA LEU D 132 -25.37 -33.62 -8.66
C LEU D 132 -26.78 -33.93 -8.17
N VAL D 133 -27.71 -33.00 -8.38
CA VAL D 133 -29.07 -33.21 -7.92
C VAL D 133 -30.13 -33.35 -9.01
N ASP D 134 -30.00 -32.56 -10.08
CA ASP D 134 -30.99 -32.63 -11.15
C ASP D 134 -30.47 -33.30 -12.41
N GLY D 135 -29.47 -34.15 -12.25
CA GLY D 135 -28.89 -34.87 -13.37
C GLY D 135 -28.43 -34.08 -14.58
N HIS D 136 -28.80 -34.59 -15.76
CA HIS D 136 -28.43 -33.97 -17.02
C HIS D 136 -28.73 -32.49 -17.09
N SER D 137 -29.90 -32.10 -16.63
CA SER D 137 -30.26 -30.69 -16.65
C SER D 137 -29.17 -29.88 -15.99
N GLN D 138 -28.84 -30.25 -14.75
CA GLN D 138 -27.81 -29.58 -13.96
C GLN D 138 -26.45 -29.60 -14.62
N ILE D 139 -26.10 -30.73 -15.24
CA ILE D 139 -24.81 -30.86 -15.90
C ILE D 139 -24.73 -29.89 -17.07
N LYS D 140 -25.83 -29.75 -17.80
CA LYS D 140 -25.88 -28.85 -18.95
C LYS D 140 -25.70 -27.41 -18.47
N ASP D 141 -26.41 -27.06 -17.40
CA ASP D 141 -26.31 -25.72 -16.85
C ASP D 141 -24.87 -25.43 -16.46
N TYR D 142 -24.24 -26.37 -15.75
CA TYR D 142 -22.87 -26.20 -15.31
C TYR D 142 -21.90 -26.06 -16.48
N TRP D 143 -22.14 -26.85 -17.52
CA TRP D 143 -21.31 -26.85 -18.71
C TRP D 143 -21.47 -25.55 -19.49
N ARG D 144 -22.71 -25.05 -19.54
CA ARG D 144 -22.99 -23.81 -20.22
C ARG D 144 -22.10 -22.70 -19.67
N HIS D 145 -22.29 -22.40 -18.39
CA HIS D 145 -21.52 -21.36 -17.72
C HIS D 145 -20.04 -21.60 -17.88
N GLN D 146 -19.66 -22.80 -18.28
CA GLN D 146 -18.25 -23.09 -18.47
C GLN D 146 -17.78 -22.55 -19.82
N TRP D 147 -18.56 -22.75 -20.88
CA TRP D 147 -18.19 -22.22 -22.19
C TRP D 147 -18.32 -20.71 -22.14
N LYS D 148 -19.34 -20.23 -21.44
CA LYS D 148 -19.57 -18.81 -21.27
C LYS D 148 -18.23 -18.23 -20.80
N GLN D 149 -17.59 -18.96 -19.90
CA GLN D 149 -16.32 -18.53 -19.33
C GLN D 149 -15.14 -18.70 -20.26
N ALA D 150 -15.12 -19.75 -21.06
CA ALA D 150 -14.01 -19.95 -21.97
C ALA D 150 -14.02 -18.80 -22.99
N CYS D 151 -15.22 -18.27 -23.24
CA CYS D 151 -15.38 -17.16 -24.16
C CYS D 151 -14.79 -15.87 -23.61
N PHE D 152 -15.22 -15.48 -22.41
CA PHE D 152 -14.70 -14.27 -21.75
C PHE D 152 -13.17 -14.26 -21.87
N ILE D 153 -12.58 -15.45 -21.82
CA ILE D 153 -11.14 -15.65 -21.90
C ILE D 153 -10.61 -15.50 -23.34
N LEU D 154 -11.34 -16.11 -24.28
CA LEU D 154 -10.96 -16.07 -25.69
C LEU D 154 -11.26 -14.73 -26.37
N ASN D 155 -12.54 -14.35 -26.35
CA ASN D 155 -12.98 -13.11 -26.98
C ASN D 155 -12.73 -11.85 -26.18
N GLY D 156 -13.05 -11.89 -24.89
CA GLY D 156 -12.86 -10.74 -24.03
C GLY D 156 -14.20 -10.25 -23.55
N SER D 157 -15.24 -10.72 -24.23
CA SER D 157 -16.62 -10.37 -23.90
C SER D 157 -17.47 -11.61 -24.11
N ALA D 158 -18.64 -11.63 -23.50
CA ALA D 158 -19.56 -12.76 -23.64
C ALA D 158 -20.48 -12.55 -24.86
N LYS D 159 -20.00 -11.77 -25.82
CA LYS D 159 -20.76 -11.47 -27.02
C LYS D 159 -21.19 -12.72 -27.79
N ARG D 160 -20.22 -13.38 -28.41
CA ARG D 160 -20.48 -14.58 -29.20
C ARG D 160 -21.57 -15.46 -28.62
N ILE D 161 -21.29 -16.13 -27.50
CA ILE D 161 -22.26 -17.04 -26.87
C ILE D 161 -23.59 -16.43 -26.48
N MET D 162 -23.58 -15.24 -25.87
CA MET D 162 -24.83 -14.63 -25.49
C MET D 162 -25.71 -14.44 -26.71
N SER D 163 -25.07 -14.24 -27.86
CA SER D 163 -25.78 -14.03 -29.11
C SER D 163 -26.51 -15.30 -29.56
N LEU D 164 -25.74 -16.34 -29.87
CA LEU D 164 -26.29 -17.62 -30.32
C LEU D 164 -27.70 -17.91 -29.78
N SER D 165 -28.61 -18.30 -30.68
CA SER D 165 -29.99 -18.60 -30.29
C SER D 165 -30.15 -19.86 -29.44
N ILE D 166 -31.29 -19.93 -28.77
CA ILE D 166 -31.66 -21.06 -27.92
C ILE D 166 -31.46 -22.37 -28.67
N PRO D 167 -32.08 -22.50 -29.86
CA PRO D 167 -31.91 -23.74 -30.63
C PRO D 167 -30.46 -23.97 -31.02
N ASP D 168 -29.77 -22.88 -31.32
CA ASP D 168 -28.37 -22.92 -31.72
C ASP D 168 -27.52 -23.53 -30.60
N PHE D 169 -27.78 -23.08 -29.38
CA PHE D 169 -27.06 -23.54 -28.20
C PHE D 169 -27.41 -24.97 -27.82
N GLU D 170 -28.66 -25.34 -28.00
CA GLU D 170 -29.13 -26.69 -27.71
C GLU D 170 -28.50 -27.71 -28.66
N ASN D 171 -28.39 -27.33 -29.93
CA ASN D 171 -27.81 -28.20 -30.93
C ASN D 171 -26.37 -28.48 -30.48
N PHE D 172 -25.77 -27.47 -29.86
CA PHE D 172 -24.39 -27.56 -29.36
C PHE D 172 -24.28 -28.59 -28.26
N TRP D 173 -25.28 -28.61 -27.38
CA TRP D 173 -25.35 -29.56 -26.29
C TRP D 173 -25.60 -30.93 -26.88
N VAL D 174 -26.66 -31.03 -27.68
CA VAL D 174 -27.04 -32.28 -28.31
C VAL D 174 -25.90 -32.92 -29.08
N SER D 175 -25.09 -32.11 -29.75
CA SER D 175 -23.97 -32.63 -30.52
C SER D 175 -23.01 -33.44 -29.64
N ILE D 176 -22.97 -33.12 -28.36
CA ILE D 176 -22.09 -33.84 -27.45
C ILE D 176 -22.73 -35.15 -27.03
N LEU D 177 -24.05 -35.14 -26.86
CA LEU D 177 -24.77 -36.33 -26.47
C LEU D 177 -24.88 -37.26 -27.67
N SER D 178 -25.01 -36.66 -28.86
CA SER D 178 -25.14 -37.43 -30.09
C SER D 178 -23.81 -37.80 -30.70
N ARG D 179 -22.74 -37.19 -30.19
CA ARG D 179 -21.39 -37.47 -30.69
C ARG D 179 -21.18 -37.04 -32.15
N ASN D 180 -22.03 -36.15 -32.65
CA ASN D 180 -21.93 -35.64 -34.00
C ASN D 180 -20.90 -34.51 -33.98
N ARG D 181 -19.67 -34.81 -34.38
CA ARG D 181 -18.62 -33.80 -34.35
C ARG D 181 -18.79 -32.58 -35.25
N SER D 182 -19.40 -32.78 -36.41
CA SER D 182 -19.60 -31.66 -37.34
C SER D 182 -20.50 -30.59 -36.73
N ASP D 183 -21.62 -31.01 -36.14
CA ASP D 183 -22.53 -30.06 -35.51
C ASP D 183 -21.82 -29.40 -34.34
N PHE D 184 -20.90 -30.12 -33.72
CA PHE D 184 -20.15 -29.57 -32.59
C PHE D 184 -19.25 -28.44 -33.08
N MET D 185 -18.34 -28.79 -34.00
CA MET D 185 -17.41 -27.81 -34.55
C MET D 185 -18.18 -26.63 -35.14
N ALA D 186 -19.34 -26.93 -35.72
CA ALA D 186 -20.19 -25.92 -36.32
C ALA D 186 -20.37 -24.74 -35.39
N VAL D 187 -20.70 -25.02 -34.14
CA VAL D 187 -20.89 -23.97 -33.15
C VAL D 187 -19.58 -23.49 -32.54
N ARG D 188 -18.58 -24.37 -32.50
CA ARG D 188 -17.28 -24.03 -31.94
C ARG D 188 -16.47 -23.13 -32.85
N SER D 189 -17.05 -22.77 -33.99
CA SER D 189 -16.38 -21.88 -34.93
C SER D 189 -17.00 -20.50 -34.73
N LYS D 190 -18.26 -20.49 -34.34
CA LYS D 190 -19.02 -19.27 -34.10
C LYS D 190 -18.51 -18.57 -32.86
N LEU D 191 -18.11 -19.35 -31.87
CA LEU D 191 -17.61 -18.81 -30.62
C LEU D 191 -16.25 -18.14 -30.74
N PHE D 192 -15.29 -18.85 -31.30
CA PHE D 192 -13.95 -18.27 -31.45
C PHE D 192 -13.20 -18.76 -32.68
N SER D 193 -12.05 -18.14 -32.93
CA SER D 193 -11.18 -18.48 -34.03
C SER D 193 -9.77 -18.59 -33.44
N MET D 194 -9.12 -19.74 -33.60
CA MET D 194 -7.76 -19.96 -33.08
C MET D 194 -6.80 -18.80 -33.44
N ASN D 195 -6.82 -18.38 -34.71
CA ASN D 195 -5.99 -17.28 -35.21
C ASN D 195 -6.51 -15.89 -34.82
N LYS D 196 -7.62 -15.85 -34.07
CA LYS D 196 -8.20 -14.57 -33.66
C LYS D 196 -8.65 -14.57 -32.20
N ALA D 197 -7.87 -15.21 -31.33
CA ALA D 197 -8.21 -15.26 -29.91
C ALA D 197 -7.15 -14.62 -29.01
N LYS D 198 -7.57 -13.61 -28.26
CA LYS D 198 -6.69 -12.89 -27.35
C LYS D 198 -5.96 -13.87 -26.43
N SER D 199 -6.66 -14.38 -25.43
CA SER D 199 -6.08 -15.33 -24.49
C SER D 199 -6.88 -16.64 -24.51
N LEU D 200 -6.20 -17.76 -24.26
CA LEU D 200 -6.85 -19.07 -24.26
C LEU D 200 -7.02 -19.71 -22.87
N PRO D 201 -8.10 -20.49 -22.69
CA PRO D 201 -8.44 -21.18 -21.45
C PRO D 201 -7.60 -22.43 -21.18
N VAL D 202 -6.75 -22.36 -20.17
CA VAL D 202 -5.90 -23.50 -19.82
C VAL D 202 -6.04 -23.83 -18.34
N ARG D 203 -5.93 -25.11 -18.03
CA ARG D 203 -6.02 -25.60 -16.66
C ARG D 203 -4.94 -26.64 -16.40
N VAL D 204 -4.23 -26.45 -15.30
CA VAL D 204 -3.15 -27.35 -14.91
C VAL D 204 -3.40 -27.94 -13.54
N TRP D 205 -3.33 -29.25 -13.45
CA TRP D 205 -3.51 -29.90 -12.17
C TRP D 205 -2.15 -30.10 -11.52
N THR D 206 -2.10 -29.87 -10.21
CA THR D 206 -0.87 -30.04 -9.46
C THR D 206 -0.78 -31.49 -9.04
N SER D 207 0.38 -31.87 -8.51
CA SER D 207 0.57 -33.25 -8.09
C SER D 207 -0.40 -33.62 -6.97
N ASN D 208 -0.74 -32.64 -6.12
CA ASN D 208 -1.66 -32.91 -5.02
C ASN D 208 -3.15 -32.69 -5.35
N TYR D 209 -3.48 -32.66 -6.63
CA TYR D 209 -4.87 -32.52 -7.08
C TYR D 209 -5.56 -31.18 -6.96
N ALA D 210 -4.83 -30.09 -7.16
CA ALA D 210 -5.44 -28.78 -7.11
C ALA D 210 -5.41 -28.29 -8.56
N VAL D 211 -6.33 -27.39 -8.91
CA VAL D 211 -6.37 -26.87 -10.27
C VAL D 211 -6.10 -25.37 -10.36
N LEU D 212 -5.09 -25.02 -11.15
CA LEU D 212 -4.75 -23.61 -11.36
C LEU D 212 -5.26 -23.21 -12.74
N GLN D 213 -5.68 -21.96 -12.88
CA GLN D 213 -6.16 -21.48 -14.17
C GLN D 213 -5.25 -20.32 -14.58
N PRO D 214 -4.08 -20.66 -15.13
CA PRO D 214 -3.07 -19.70 -15.60
C PRO D 214 -3.61 -18.79 -16.69
N THR D 215 -3.35 -17.50 -16.57
CA THR D 215 -3.78 -16.56 -17.60
C THR D 215 -2.73 -16.71 -18.71
N VAL D 216 -3.13 -17.20 -19.88
CA VAL D 216 -2.19 -17.39 -20.98
C VAL D 216 -2.63 -16.64 -22.24
N PRO D 217 -2.14 -15.39 -22.42
CA PRO D 217 -2.51 -14.60 -23.59
C PRO D 217 -1.72 -15.03 -24.83
N VAL D 218 -2.31 -14.83 -26.00
CA VAL D 218 -1.64 -15.19 -27.25
C VAL D 218 -0.65 -14.10 -27.69
N THR D 219 0.60 -14.50 -27.88
CA THR D 219 1.67 -13.58 -28.30
C THR D 219 2.70 -14.30 -29.17
N GLU D 222 5.42 -17.86 -30.18
CA GLU D 222 4.74 -19.04 -29.62
C GLU D 222 4.89 -19.06 -28.11
N LEU D 223 4.82 -20.27 -27.54
CA LEU D 223 4.94 -20.45 -26.10
C LEU D 223 4.91 -21.95 -25.78
N SER D 224 6.01 -22.45 -25.23
CA SER D 224 6.11 -23.86 -24.91
C SER D 224 5.47 -24.19 -23.58
N VAL D 225 5.30 -25.50 -23.34
CA VAL D 225 4.70 -26.01 -22.11
C VAL D 225 5.60 -25.75 -20.91
N ALA D 226 6.91 -25.96 -21.08
CA ALA D 226 7.85 -25.73 -19.99
C ALA D 226 7.75 -24.26 -19.57
N GLU D 227 7.56 -23.39 -20.54
CA GLU D 227 7.44 -21.96 -20.27
C GLU D 227 6.31 -21.75 -19.27
N LEU D 228 5.15 -22.28 -19.61
CA LEU D 228 3.96 -22.16 -18.77
C LEU D 228 4.16 -22.80 -17.39
N LEU D 229 4.84 -23.93 -17.35
CA LEU D 229 5.08 -24.62 -16.08
C LEU D 229 6.03 -23.82 -15.20
N ASP D 230 7.13 -23.36 -15.78
CA ASP D 230 8.10 -22.57 -15.03
C ASP D 230 7.37 -21.35 -14.47
N SER D 231 6.51 -20.77 -15.30
CA SER D 231 5.73 -19.61 -14.91
C SER D 231 4.98 -19.78 -13.58
N ILE D 232 4.45 -20.97 -13.33
CA ILE D 232 3.69 -21.20 -12.11
C ILE D 232 4.34 -22.11 -11.08
N LYS D 233 5.63 -22.35 -11.25
CA LYS D 233 6.40 -23.19 -10.33
C LYS D 233 5.90 -24.62 -10.34
N LEU D 234 5.69 -25.15 -11.54
CA LEU D 234 5.21 -26.51 -11.70
C LEU D 234 6.07 -27.33 -12.64
N SER D 235 7.36 -27.04 -12.66
CA SER D 235 8.29 -27.80 -13.49
C SER D 235 9.05 -28.73 -12.56
N SER D 236 9.70 -29.73 -13.14
CA SER D 236 10.45 -30.69 -12.35
C SER D 236 11.65 -31.17 -13.14
N ASP D 237 12.59 -31.78 -12.45
CA ASP D 237 13.79 -32.29 -13.08
C ASP D 237 13.48 -33.28 -14.20
N GLY D 238 13.18 -34.51 -13.81
CA GLY D 238 12.87 -35.57 -14.77
C GLY D 238 11.62 -35.31 -15.61
N VAL D 239 10.67 -34.55 -15.07
CA VAL D 239 9.43 -34.25 -15.78
C VAL D 239 9.70 -33.60 -17.13
N LYS D 240 9.72 -34.41 -18.18
CA LYS D 240 9.95 -33.92 -19.54
C LYS D 240 8.65 -33.91 -20.34
N SER D 241 7.60 -34.48 -19.76
CA SER D 241 6.27 -34.52 -20.41
C SER D 241 5.12 -34.17 -19.47
N VAL D 242 3.99 -33.80 -20.06
CA VAL D 242 2.81 -33.45 -19.31
C VAL D 242 1.73 -34.36 -19.90
N ILE D 243 0.62 -34.58 -19.20
CA ILE D 243 -0.43 -35.44 -19.74
C ILE D 243 -1.67 -34.70 -20.22
N ILE D 244 -1.96 -34.80 -21.52
CA ILE D 244 -3.11 -34.14 -22.12
C ILE D 244 -3.97 -35.14 -22.89
N GLN D 245 -5.28 -35.12 -22.65
CA GLN D 245 -6.20 -36.04 -23.32
C GLN D 245 -5.62 -37.45 -23.36
N GLY D 246 -5.06 -37.87 -22.23
CA GLY D 246 -4.50 -39.22 -22.12
C GLY D 246 -3.14 -39.47 -22.70
N ILE D 247 -2.61 -38.54 -23.49
CA ILE D 247 -1.29 -38.73 -24.11
C ILE D 247 -0.22 -37.81 -23.54
N ASP D 248 1.00 -38.33 -23.41
CA ASP D 248 2.13 -37.56 -22.89
C ASP D 248 2.69 -36.64 -23.96
N VAL D 249 2.58 -35.33 -23.74
CA VAL D 249 3.14 -34.39 -24.70
C VAL D 249 4.47 -33.92 -24.13
N SER D 250 5.40 -33.57 -25.01
CA SER D 250 6.70 -33.10 -24.55
C SER D 250 6.53 -31.68 -24.05
N ILE D 251 7.18 -31.37 -22.94
CA ILE D 251 7.10 -30.03 -22.35
C ILE D 251 7.54 -28.91 -23.30
N GLU D 252 8.02 -29.25 -24.49
CA GLU D 252 8.48 -28.27 -25.49
C GLU D 252 7.49 -27.88 -26.59
N ASP D 253 6.26 -28.41 -26.52
CA ASP D 253 5.27 -28.09 -27.56
C ASP D 253 4.55 -26.78 -27.28
N ASN D 254 3.97 -26.20 -28.33
CA ASN D 254 3.26 -24.91 -28.24
C ASN D 254 1.85 -25.05 -27.67
N ILE D 255 1.62 -24.41 -26.53
CA ILE D 255 0.31 -24.47 -25.90
C ILE D 255 -0.80 -24.09 -26.88
N PHE D 256 -0.56 -23.03 -27.65
CA PHE D 256 -1.53 -22.56 -28.64
C PHE D 256 -1.97 -23.72 -29.51
N GLU D 257 -0.99 -24.51 -29.98
CA GLU D 257 -1.29 -25.65 -30.82
C GLU D 257 -2.08 -26.65 -29.99
N LEU D 258 -1.45 -27.14 -28.93
CA LEU D 258 -2.06 -28.10 -28.03
C LEU D 258 -3.53 -27.81 -27.75
N TYR D 259 -3.88 -26.55 -27.57
CA TYR D 259 -5.25 -26.18 -27.29
C TYR D 259 -6.18 -26.53 -28.45
N ASP D 260 -5.97 -25.87 -29.59
CA ASP D 260 -6.80 -26.07 -30.78
C ASP D 260 -7.15 -27.52 -31.07
N ILE D 261 -6.20 -28.42 -30.81
CA ILE D 261 -6.44 -29.83 -31.03
C ILE D 261 -6.93 -30.61 -29.81
N PHE D 262 -6.48 -30.22 -28.61
CA PHE D 262 -6.86 -30.95 -27.41
C PHE D 262 -7.85 -30.38 -26.42
N ALA D 263 -8.31 -29.16 -26.63
CA ALA D 263 -9.29 -28.57 -25.71
C ALA D 263 -10.40 -29.60 -25.44
N SER D 264 -11.05 -29.49 -24.28
CA SER D 264 -12.11 -30.43 -23.95
C SER D 264 -13.47 -29.87 -24.32
N ILE D 265 -14.51 -30.70 -24.28
CA ILE D 265 -15.81 -30.22 -24.67
C ILE D 265 -16.38 -29.12 -23.80
N ASP D 266 -15.57 -28.57 -22.90
CA ASP D 266 -16.05 -27.48 -22.05
C ASP D 266 -15.33 -26.18 -22.38
N GLY D 267 -14.40 -26.24 -23.33
CA GLY D 267 -13.70 -25.04 -23.75
C GLY D 267 -12.30 -24.81 -23.18
N PHE D 268 -11.83 -25.73 -22.32
CA PHE D 268 -10.50 -25.60 -21.74
C PHE D 268 -9.54 -26.69 -22.15
N LEU D 269 -8.26 -26.36 -22.09
CA LEU D 269 -7.21 -27.30 -22.38
C LEU D 269 -6.77 -27.73 -20.99
N TYR D 270 -6.73 -29.04 -20.75
CA TYR D 270 -6.34 -29.55 -19.45
C TYR D 270 -4.97 -30.20 -19.44
N LEU D 271 -4.16 -29.85 -18.45
CA LEU D 271 -2.84 -30.45 -18.32
C LEU D 271 -2.69 -31.07 -16.94
N VAL D 272 -2.32 -32.34 -16.93
CA VAL D 272 -2.06 -33.05 -15.69
C VAL D 272 -0.54 -33.17 -15.64
N THR D 273 0.05 -32.71 -14.54
CA THR D 273 1.51 -32.78 -14.38
C THR D 273 1.94 -34.05 -13.67
N LYS D 274 3.21 -34.39 -13.83
CA LYS D 274 3.77 -35.59 -13.20
C LYS D 274 5.09 -35.29 -12.51
N MET E 4 39.33 7.26 -33.39
CA MET E 4 38.96 6.68 -32.06
C MET E 4 39.67 7.37 -30.90
N GLU E 5 40.93 7.03 -30.70
CA GLU E 5 41.70 7.65 -29.62
C GLU E 5 41.77 9.16 -29.83
N GLU E 6 41.23 9.62 -30.95
CA GLU E 6 41.20 11.04 -31.26
C GLU E 6 39.94 11.64 -30.61
N LEU E 7 38.90 10.81 -30.53
CA LEU E 7 37.63 11.23 -29.94
C LEU E 7 37.77 11.23 -28.41
N ARG E 8 38.48 10.24 -27.88
CA ARG E 8 38.70 10.16 -26.45
C ARG E 8 39.53 11.37 -26.02
N GLU E 9 40.33 11.86 -26.96
CA GLU E 9 41.19 13.01 -26.72
C GLU E 9 40.37 14.30 -26.68
N ARG E 10 39.45 14.44 -27.64
CA ARG E 10 38.59 15.63 -27.70
C ARG E 10 37.80 15.78 -26.42
N VAL E 11 37.35 14.63 -25.90
CA VAL E 11 36.57 14.60 -24.69
C VAL E 11 37.40 14.90 -23.45
N TRP E 12 38.59 14.33 -23.38
CA TRP E 12 39.46 14.57 -22.23
C TRP E 12 39.82 16.06 -22.21
N ASN E 13 39.94 16.65 -23.40
CA ASN E 13 40.29 18.05 -23.55
C ASN E 13 39.10 18.98 -23.84
N GLY E 14 37.87 18.49 -23.63
CA GLY E 14 36.72 19.33 -23.85
C GLY E 14 36.67 20.56 -22.94
N THR E 15 36.42 21.73 -23.51
CA THR E 15 36.36 22.95 -22.73
C THR E 15 35.09 23.76 -22.97
N ILE E 16 34.82 24.71 -22.08
CA ILE E 16 33.67 25.58 -22.20
C ILE E 16 34.08 26.98 -21.82
N ASN E 17 33.55 27.97 -22.54
CA ASN E 17 33.85 29.37 -22.25
C ASN E 17 32.95 29.88 -21.14
N VAL E 18 33.57 30.29 -20.05
CA VAL E 18 32.86 30.77 -18.88
C VAL E 18 33.20 32.21 -18.57
N GLU E 19 32.16 32.96 -18.23
CA GLU E 19 32.31 34.36 -17.86
C GLU E 19 31.73 34.48 -16.47
N VAL E 20 32.54 34.97 -15.54
CA VAL E 20 32.11 35.13 -14.17
C VAL E 20 31.99 36.60 -13.91
N VAL E 21 30.91 36.99 -13.24
CA VAL E 21 30.64 38.37 -12.92
C VAL E 21 30.35 38.41 -11.45
N VAL E 22 30.95 39.35 -10.73
CA VAL E 22 30.71 39.48 -9.30
C VAL E 22 29.23 39.77 -9.10
N SER E 23 28.59 39.13 -8.14
CA SER E 23 27.16 39.37 -7.91
C SER E 23 26.91 40.74 -7.29
N ASP E 24 25.70 41.26 -7.50
CA ASP E 24 25.33 42.58 -6.99
C ASP E 24 25.44 42.72 -5.48
N ALA E 25 25.21 41.62 -4.78
CA ALA E 25 25.29 41.67 -3.34
C ALA E 25 26.69 41.99 -2.78
N ILE E 26 27.75 41.61 -3.47
CA ILE E 26 29.10 41.85 -2.94
C ILE E 26 30.04 42.71 -3.79
N VAL E 27 29.53 43.31 -4.85
CA VAL E 27 30.38 44.15 -5.70
C VAL E 27 30.54 45.55 -5.10
N VAL E 28 31.69 46.17 -5.29
CA VAL E 28 31.90 47.54 -4.80
C VAL E 28 30.99 48.34 -5.74
N PRO E 29 30.07 49.14 -5.19
CA PRO E 29 29.16 49.92 -6.04
C PRO E 29 29.81 50.71 -7.15
N ASN E 30 29.07 50.81 -8.25
CA ASN E 30 29.43 51.57 -9.45
C ASN E 30 30.72 51.14 -10.12
N THR E 31 30.92 49.83 -10.13
CA THR E 31 32.09 49.25 -10.78
C THR E 31 31.75 49.00 -12.22
N THR E 32 32.73 49.22 -13.10
CA THR E 32 32.57 48.97 -14.51
C THR E 32 32.20 47.49 -14.69
N LEU E 33 31.49 47.17 -15.77
CA LEU E 33 31.13 45.79 -16.01
C LEU E 33 32.43 45.01 -16.26
N ALA E 34 33.28 45.55 -17.12
CA ALA E 34 34.53 44.90 -17.45
C ALA E 34 35.39 44.61 -16.22
N ASP E 35 35.41 45.55 -15.28
CA ASP E 35 36.20 45.39 -14.06
C ASP E 35 35.73 44.26 -13.15
N LYS E 36 34.42 44.03 -13.10
CA LYS E 36 33.87 43.01 -12.22
C LYS E 36 33.62 41.71 -12.97
N SER E 37 34.35 41.52 -14.07
CA SER E 37 34.14 40.33 -14.86
C SER E 37 35.40 39.75 -15.47
N CYS E 38 35.37 38.44 -15.69
CA CYS E 38 36.50 37.75 -16.27
C CYS E 38 35.99 36.58 -17.09
N HIS E 39 36.83 36.13 -18.01
CA HIS E 39 36.48 35.01 -18.87
C HIS E 39 37.51 33.93 -18.64
N ILE E 40 37.03 32.72 -18.38
CA ILE E 40 37.91 31.60 -18.13
C ILE E 40 37.52 30.47 -19.06
N VAL E 41 38.51 29.67 -19.44
CA VAL E 41 38.25 28.50 -20.25
C VAL E 41 38.31 27.34 -19.27
N MET E 42 37.18 26.70 -19.01
CA MET E 42 37.16 25.58 -18.08
C MET E 42 37.13 24.24 -18.80
N LEU E 43 37.68 23.22 -18.15
CA LEU E 43 37.68 21.88 -18.70
C LEU E 43 36.33 21.29 -18.35
N ARG E 44 35.77 20.51 -19.27
CA ARG E 44 34.49 19.88 -19.04
C ARG E 44 34.66 18.86 -17.93
N ASP E 45 35.70 18.05 -18.02
CA ASP E 45 35.89 17.05 -17.00
C ASP E 45 36.72 17.57 -15.86
N ALA E 46 36.14 18.53 -15.17
CA ALA E 46 36.77 19.15 -14.03
C ALA E 46 35.68 19.60 -13.05
N TYR E 47 36.09 20.16 -11.93
CA TYR E 47 35.14 20.64 -10.95
C TYR E 47 35.23 22.16 -10.82
N LEU E 48 34.07 22.81 -10.82
CA LEU E 48 33.99 24.26 -10.69
C LEU E 48 34.92 24.79 -9.61
N GLY E 49 34.96 24.08 -8.48
CA GLY E 49 35.81 24.49 -7.38
C GLY E 49 37.28 24.61 -7.75
N PHE E 50 37.72 23.89 -8.78
CA PHE E 50 39.12 23.98 -9.19
C PHE E 50 39.43 25.40 -9.66
N TYR E 51 38.40 26.20 -9.92
CA TYR E 51 38.59 27.54 -10.43
C TYR E 51 38.30 28.69 -9.47
N LEU E 52 37.68 28.38 -8.34
CA LEU E 52 37.32 29.39 -7.36
C LEU E 52 38.45 30.37 -7.01
N PRO E 53 39.61 29.86 -6.56
CA PRO E 53 40.68 30.80 -6.23
C PRO E 53 41.13 31.70 -7.38
N THR E 54 41.11 31.17 -8.60
CA THR E 54 41.49 31.99 -9.73
C THR E 54 40.48 33.12 -9.87
N VAL E 55 39.20 32.76 -9.93
CA VAL E 55 38.12 33.72 -10.08
C VAL E 55 38.12 34.76 -8.95
N VAL E 56 38.23 34.31 -7.71
CA VAL E 56 38.25 35.24 -6.58
C VAL E 56 39.43 36.22 -6.69
N ARG E 57 40.60 35.73 -7.08
CA ARG E 57 41.77 36.60 -7.21
C ARG E 57 41.60 37.65 -8.30
N LYS E 58 41.13 37.23 -9.47
CA LYS E 58 40.92 38.16 -10.57
C LYS E 58 39.93 39.26 -10.28
N LEU E 59 38.85 38.92 -9.60
CA LEU E 59 37.83 39.91 -9.32
C LEU E 59 37.94 40.51 -7.92
N ALA E 60 39.01 40.17 -7.21
CA ALA E 60 39.20 40.66 -5.83
C ALA E 60 38.95 42.15 -5.63
N ASP E 61 39.55 42.96 -6.50
CA ASP E 61 39.41 44.41 -6.40
C ASP E 61 37.99 44.97 -6.48
N THR E 62 37.10 44.27 -7.18
CA THR E 62 35.72 44.74 -7.32
C THR E 62 34.80 44.13 -6.26
N ILE E 63 35.39 43.41 -5.30
CA ILE E 63 34.62 42.78 -4.24
C ILE E 63 34.66 43.59 -2.95
N LYS E 64 33.51 44.05 -2.51
CA LYS E 64 33.46 44.87 -1.31
C LYS E 64 33.50 44.11 -0.01
N VAL E 65 32.83 42.95 0.05
CA VAL E 65 32.82 42.19 1.29
C VAL E 65 34.20 41.68 1.66
N PRO E 66 34.42 41.52 2.97
CA PRO E 66 35.68 41.01 3.54
C PRO E 66 35.55 39.47 3.57
N TYR E 67 36.63 38.77 3.29
CA TYR E 67 36.58 37.32 3.35
C TYR E 67 37.85 36.69 3.87
N GLU E 68 37.62 35.57 4.55
CA GLU E 68 38.62 34.75 5.20
C GLU E 68 39.35 33.80 4.24
N SER E 69 38.59 33.15 3.38
CA SER E 69 39.12 32.15 2.47
C SER E 69 38.74 32.32 1.01
N ASP E 70 39.37 31.49 0.17
CA ASP E 70 39.10 31.46 -1.26
C ASP E 70 38.03 30.39 -1.50
N TYR E 71 37.63 29.68 -0.44
CA TYR E 71 36.64 28.62 -0.60
C TYR E 71 35.41 28.85 0.25
N ARG E 72 35.60 28.80 1.56
CA ARG E 72 34.52 28.98 2.52
C ARG E 72 33.61 30.19 2.21
N ASN E 73 32.32 29.93 2.21
CA ASN E 73 31.28 30.95 1.97
C ASN E 73 31.15 31.51 0.55
N TRP E 74 31.73 30.85 -0.43
CA TRP E 74 31.62 31.28 -1.82
C TRP E 74 30.79 30.23 -2.56
N TRP E 75 30.20 30.63 -3.68
CA TRP E 75 29.46 29.69 -4.52
C TRP E 75 29.20 30.39 -5.84
N PHE E 76 28.78 29.63 -6.85
CA PHE E 76 28.47 30.20 -8.15
C PHE E 76 26.95 30.17 -8.33
N GLU E 77 26.45 31.09 -9.16
CA GLU E 77 25.04 31.16 -9.46
C GLU E 77 24.84 31.35 -10.96
N TYR E 78 23.74 30.79 -11.44
CA TYR E 78 23.37 30.88 -12.85
C TYR E 78 21.88 31.26 -12.79
N ASN E 79 21.56 32.43 -13.35
CA ASN E 79 20.20 32.95 -13.33
C ASN E 79 19.64 32.99 -11.92
N GLY E 80 20.44 33.52 -11.00
CA GLY E 80 20.01 33.62 -9.62
C GLY E 80 19.90 32.29 -8.89
N GLU E 81 20.27 31.20 -9.54
CA GLU E 81 20.20 29.89 -8.92
C GLU E 81 21.58 29.33 -8.61
N GLY E 82 21.75 28.84 -7.39
CA GLY E 82 23.03 28.28 -7.00
C GLY E 82 23.35 27.09 -7.89
N VAL E 83 24.61 26.97 -8.30
CA VAL E 83 25.03 25.87 -9.13
C VAL E 83 25.54 24.69 -8.29
N PRO E 84 24.96 23.50 -8.49
CA PRO E 84 25.40 22.31 -7.72
C PRO E 84 26.72 21.84 -8.30
N TRP E 85 27.79 22.46 -7.81
CA TRP E 85 29.12 22.16 -8.30
C TRP E 85 29.75 20.82 -7.94
N GLU E 86 29.00 19.91 -7.34
CA GLU E 86 29.56 18.60 -7.05
C GLU E 86 29.48 17.75 -8.31
N TYR E 87 29.01 18.34 -9.42
CA TYR E 87 28.94 17.64 -10.71
C TYR E 87 29.97 18.31 -11.61
N PRO E 88 30.65 17.55 -12.49
CA PRO E 88 31.64 18.18 -13.36
C PRO E 88 31.11 19.31 -14.20
N CYS E 89 31.96 20.32 -14.41
CA CYS E 89 31.59 21.51 -15.17
C CYS E 89 30.84 21.17 -16.44
N GLY E 90 31.39 20.25 -17.21
CA GLY E 90 30.76 19.86 -18.46
C GLY E 90 29.30 19.46 -18.28
N VAL E 91 29.04 18.63 -17.27
CA VAL E 91 27.68 18.20 -16.99
C VAL E 91 26.83 19.42 -16.69
N LEU E 92 27.27 20.23 -15.73
CA LEU E 92 26.51 21.43 -15.37
C LEU E 92 26.24 22.39 -16.55
N PHE E 93 27.21 22.54 -17.45
CA PHE E 93 27.05 23.41 -18.61
C PHE E 93 25.94 22.90 -19.54
N ASP E 94 26.02 21.62 -19.89
CA ASP E 94 25.03 21.00 -20.76
C ASP E 94 23.65 21.08 -20.14
N LEU E 95 23.61 20.92 -18.82
CA LEU E 95 22.37 20.94 -18.07
C LEU E 95 21.66 22.28 -17.94
N LEU E 96 22.45 23.35 -17.81
CA LEU E 96 21.89 24.67 -17.56
C LEU E 96 21.92 25.78 -18.58
N ASN E 97 23.02 25.90 -19.32
CA ASN E 97 23.18 27.00 -20.27
C ASN E 97 22.21 27.00 -21.45
N LYS E 98 21.79 28.20 -21.84
CA LYS E 98 20.87 28.40 -22.96
C LYS E 98 21.48 28.01 -24.30
N LEU E 112 30.75 26.80 -28.71
CA LEU E 112 31.67 27.67 -27.99
C LEU E 112 30.93 28.85 -27.37
N GLN E 113 29.71 28.61 -26.90
CA GLN E 113 28.89 29.65 -26.30
C GLN E 113 29.25 29.93 -24.83
N MET E 114 29.21 31.21 -24.47
CA MET E 114 29.53 31.69 -23.12
C MET E 114 28.56 31.27 -22.04
N TRP E 115 29.10 30.76 -20.94
CA TRP E 115 28.27 30.37 -19.82
C TRP E 115 28.49 31.48 -18.78
N GLU E 116 27.42 32.18 -18.44
CA GLU E 116 27.51 33.28 -17.50
C GLU E 116 27.14 32.88 -16.10
N LEU E 117 28.09 33.03 -15.18
CA LEU E 117 27.88 32.68 -13.78
C LEU E 117 28.15 33.90 -12.89
N GLN E 118 27.51 33.94 -11.72
CA GLN E 118 27.73 35.03 -10.80
C GLN E 118 28.59 34.52 -9.65
N LEU E 119 29.55 35.33 -9.21
CA LEU E 119 30.42 34.95 -8.10
C LEU E 119 29.70 35.44 -6.85
N CYS E 120 29.35 34.51 -5.96
CA CYS E 120 28.62 34.91 -4.76
C CYS E 120 29.36 34.58 -3.47
N HIS E 121 29.04 35.31 -2.42
CA HIS E 121 29.66 35.09 -1.13
C HIS E 121 28.63 35.47 -0.10
N GLY E 122 28.70 34.86 1.08
CA GLY E 122 27.72 35.17 2.11
C GLY E 122 27.66 34.13 3.22
N ASP E 123 27.04 34.50 4.34
CA ASP E 123 26.93 33.61 5.49
C ASP E 123 25.85 32.53 5.34
N LYS E 124 25.07 32.57 4.28
CA LYS E 124 24.01 31.58 4.06
C LYS E 124 24.03 31.05 2.63
N TYR E 125 24.41 29.80 2.46
CA TYR E 125 24.46 29.22 1.12
C TYR E 125 23.04 29.03 0.58
N PRO E 126 22.88 29.00 -0.75
CA PRO E 126 21.57 28.81 -1.38
C PRO E 126 21.12 27.40 -1.09
N ARG E 127 19.81 27.19 -0.99
CA ARG E 127 19.22 25.89 -0.71
C ARG E 127 19.82 24.74 -1.51
N GLY E 128 20.13 23.65 -0.83
CA GLY E 128 20.70 22.49 -1.51
C GLY E 128 22.17 22.53 -1.90
N ILE E 129 22.79 23.71 -1.96
CA ILE E 129 24.20 23.76 -2.35
C ILE E 129 25.18 23.27 -1.25
N LEU E 130 26.08 22.38 -1.65
CA LEU E 130 27.07 21.84 -0.71
C LEU E 130 28.21 22.84 -0.52
N PRO E 131 28.43 23.25 0.72
CA PRO E 131 29.52 24.21 0.95
C PRO E 131 30.89 23.58 0.67
N LEU E 132 31.76 24.35 0.01
CA LEU E 132 33.09 23.88 -0.28
C LEU E 132 33.95 24.63 0.73
N VAL E 133 34.60 23.90 1.62
CA VAL E 133 35.39 24.51 2.66
C VAL E 133 36.91 24.25 2.66
N ASP E 134 37.32 23.05 2.26
CA ASP E 134 38.74 22.72 2.28
C ASP E 134 39.44 22.61 0.93
N GLY E 135 38.95 23.32 -0.06
CA GLY E 135 39.57 23.27 -1.36
C GLY E 135 39.69 21.85 -1.90
N HIS E 136 40.72 21.65 -2.70
CA HIS E 136 41.02 20.38 -3.36
C HIS E 136 40.87 19.16 -2.48
N SER E 137 41.27 19.26 -1.22
CA SER E 137 41.18 18.13 -0.33
C SER E 137 39.74 17.63 -0.28
N GLN E 138 38.81 18.54 -0.06
CA GLN E 138 37.39 18.19 0.02
C GLN E 138 36.86 17.65 -1.29
N ILE E 139 37.25 18.28 -2.39
CA ILE E 139 36.82 17.86 -3.72
C ILE E 139 37.33 16.45 -3.99
N LYS E 140 38.60 16.20 -3.71
CA LYS E 140 39.20 14.89 -3.91
C LYS E 140 38.46 13.82 -3.11
N ASP E 141 38.15 14.15 -1.86
CA ASP E 141 37.45 13.19 -1.01
C ASP E 141 36.08 12.82 -1.53
N TYR E 142 35.32 13.80 -2.01
CA TYR E 142 33.99 13.57 -2.55
C TYR E 142 34.10 12.79 -3.87
N TRP E 143 35.09 13.19 -4.66
CA TRP E 143 35.36 12.55 -5.95
C TRP E 143 35.71 11.08 -5.71
N ARG E 144 36.48 10.83 -4.66
CA ARG E 144 36.89 9.47 -4.34
C ARG E 144 35.66 8.60 -4.05
N HIS E 145 34.71 9.13 -3.29
CA HIS E 145 33.54 8.34 -2.98
C HIS E 145 32.60 8.15 -4.15
N GLN E 146 32.71 9.04 -5.12
CA GLN E 146 31.91 8.93 -6.32
C GLN E 146 32.41 7.69 -7.10
N TRP E 147 33.74 7.53 -7.17
CA TRP E 147 34.37 6.40 -7.86
C TRP E 147 34.11 5.11 -7.11
N LYS E 148 34.11 5.21 -5.80
CA LYS E 148 33.89 4.05 -4.95
C LYS E 148 32.46 3.55 -5.21
N GLN E 149 31.56 4.47 -5.55
CA GLN E 149 30.18 4.10 -5.83
C GLN E 149 30.04 3.51 -7.23
N ALA E 150 30.79 4.07 -8.19
CA ALA E 150 30.73 3.56 -9.55
C ALA E 150 31.43 2.21 -9.56
N CYS E 151 32.17 1.95 -8.50
CA CYS E 151 32.88 0.68 -8.39
C CYS E 151 31.88 -0.41 -7.99
N PHE E 152 31.08 -0.15 -6.96
CA PHE E 152 30.07 -1.12 -6.52
C PHE E 152 29.16 -1.49 -7.70
N ILE E 153 28.75 -0.49 -8.46
CA ILE E 153 27.87 -0.70 -9.60
C ILE E 153 28.52 -1.51 -10.73
N LEU E 154 29.79 -1.24 -11.00
CA LEU E 154 30.49 -1.95 -12.05
C LEU E 154 30.92 -3.39 -11.69
N ASN E 155 31.39 -3.59 -10.46
CA ASN E 155 31.85 -4.91 -10.04
C ASN E 155 31.16 -5.53 -8.84
N GLY E 156 29.99 -5.01 -8.45
CA GLY E 156 29.28 -5.56 -7.32
C GLY E 156 30.03 -5.42 -5.99
N SER E 157 31.18 -4.75 -6.05
CA SER E 157 31.98 -4.55 -4.85
C SER E 157 33.00 -3.43 -5.02
N ALA E 158 33.53 -2.95 -3.90
CA ALA E 158 34.51 -1.89 -3.92
C ALA E 158 35.93 -2.42 -3.67
N LYS E 159 36.14 -3.71 -3.94
CA LYS E 159 37.46 -4.32 -3.74
C LYS E 159 38.54 -3.69 -4.63
N ARG E 160 38.31 -3.71 -5.94
CA ARG E 160 39.26 -3.16 -6.91
C ARG E 160 39.81 -1.80 -6.44
N ILE E 161 38.91 -0.87 -6.14
CA ILE E 161 39.33 0.47 -5.72
C ILE E 161 39.94 0.50 -4.32
N MET E 162 39.56 -0.42 -3.46
CA MET E 162 40.13 -0.45 -2.12
C MET E 162 41.52 -1.10 -2.17
N SER E 163 41.81 -1.77 -3.28
CA SER E 163 43.11 -2.43 -3.48
C SER E 163 44.16 -1.37 -3.72
N LEU E 164 43.88 -0.49 -4.68
CA LEU E 164 44.77 0.60 -5.07
C LEU E 164 45.56 1.12 -3.88
N SER E 165 46.86 1.25 -4.06
CA SER E 165 47.72 1.77 -3.01
C SER E 165 47.42 3.25 -2.83
N ILE E 166 47.77 3.81 -1.68
CA ILE E 166 47.54 5.22 -1.44
C ILE E 166 48.19 6.07 -2.53
N PRO E 167 49.49 5.88 -2.83
CA PRO E 167 50.10 6.69 -3.88
C PRO E 167 49.53 6.40 -5.27
N ASP E 168 49.03 5.19 -5.46
CA ASP E 168 48.44 4.86 -6.75
C ASP E 168 47.20 5.71 -6.94
N PHE E 169 46.39 5.81 -5.89
CA PHE E 169 45.18 6.61 -5.95
C PHE E 169 45.49 8.10 -6.05
N GLU E 170 46.57 8.53 -5.39
CA GLU E 170 46.99 9.92 -5.45
C GLU E 170 47.29 10.22 -6.90
N ASN E 171 47.95 9.27 -7.58
CA ASN E 171 48.27 9.47 -8.99
C ASN E 171 46.97 9.56 -9.80
N PHE E 172 45.98 8.74 -9.45
CA PHE E 172 44.71 8.77 -10.15
C PHE E 172 44.16 10.20 -10.07
N TRP E 173 44.15 10.75 -8.86
CA TRP E 173 43.67 12.11 -8.62
C TRP E 173 44.50 13.16 -9.33
N VAL E 174 45.82 13.04 -9.25
CA VAL E 174 46.70 14.01 -9.89
C VAL E 174 46.52 14.09 -11.39
N SER E 175 46.22 12.96 -12.02
CA SER E 175 46.07 12.93 -13.47
C SER E 175 44.97 13.88 -13.92
N ILE E 176 44.00 14.11 -13.04
CA ILE E 176 42.90 15.00 -13.36
C ILE E 176 43.34 16.45 -13.31
N LEU E 177 44.32 16.72 -12.45
CA LEU E 177 44.87 18.06 -12.32
C LEU E 177 45.91 18.32 -13.40
N SER E 178 46.78 17.35 -13.64
CA SER E 178 47.85 17.48 -14.63
C SER E 178 47.38 17.19 -16.03
N ARG E 179 46.14 16.70 -16.15
CA ARG E 179 45.57 16.37 -17.45
C ARG E 179 46.28 15.25 -18.21
N ASN E 180 46.89 14.33 -17.46
CA ASN E 180 47.59 13.20 -18.05
C ASN E 180 46.54 12.09 -18.30
N ARG E 181 45.98 12.02 -19.50
CA ARG E 181 44.96 11.01 -19.77
C ARG E 181 45.39 9.55 -19.58
N SER E 182 46.65 9.25 -19.90
CA SER E 182 47.17 7.90 -19.76
C SER E 182 47.32 7.47 -18.31
N ASP E 183 47.79 8.36 -17.45
CA ASP E 183 47.89 7.96 -16.05
C ASP E 183 46.48 7.71 -15.58
N PHE E 184 45.54 8.52 -16.08
CA PHE E 184 44.14 8.38 -15.71
C PHE E 184 43.59 7.06 -16.21
N MET E 185 43.71 6.83 -17.52
CA MET E 185 43.23 5.60 -18.13
C MET E 185 43.86 4.39 -17.45
N ALA E 186 45.13 4.54 -17.07
CA ALA E 186 45.84 3.45 -16.41
C ALA E 186 45.03 2.96 -15.21
N VAL E 187 44.82 3.84 -14.24
CA VAL E 187 44.09 3.47 -13.04
C VAL E 187 42.63 3.11 -13.33
N ARG E 188 41.99 3.87 -14.20
CA ARG E 188 40.60 3.61 -14.55
C ARG E 188 40.46 2.15 -14.98
N SER E 189 41.51 1.65 -15.63
CA SER E 189 41.53 0.27 -16.11
C SER E 189 41.66 -0.74 -14.99
N LYS E 190 42.39 -0.37 -13.94
CA LYS E 190 42.55 -1.27 -12.81
C LYS E 190 41.20 -1.43 -12.13
N LEU E 191 40.40 -0.37 -12.23
CA LEU E 191 39.09 -0.34 -11.61
C LEU E 191 38.03 -1.17 -12.30
N PHE E 192 37.93 -1.07 -13.63
CA PHE E 192 36.91 -1.83 -14.33
C PHE E 192 37.20 -2.20 -15.78
N SER E 193 36.64 -3.32 -16.21
CA SER E 193 36.78 -3.79 -17.59
C SER E 193 35.39 -3.73 -18.21
N MET E 194 35.25 -2.98 -19.29
CA MET E 194 33.95 -2.86 -19.97
C MET E 194 33.37 -4.24 -20.24
N ASN E 195 34.26 -5.20 -20.47
CA ASN E 195 33.88 -6.58 -20.77
C ASN E 195 33.39 -7.34 -19.54
N LYS E 196 33.78 -6.87 -18.34
CA LYS E 196 33.39 -7.55 -17.11
C LYS E 196 32.39 -6.74 -16.28
N ALA E 197 31.90 -5.64 -16.85
CA ALA E 197 30.96 -4.77 -16.16
C ALA E 197 29.59 -5.40 -15.91
N LYS E 198 29.21 -5.48 -14.65
CA LYS E 198 27.91 -6.04 -14.29
C LYS E 198 26.85 -4.99 -14.65
N SER E 199 26.69 -3.99 -13.77
CA SER E 199 25.75 -2.89 -14.01
C SER E 199 26.62 -1.65 -14.23
N LEU E 200 26.18 -0.71 -15.06
CA LEU E 200 27.00 0.47 -15.30
C LEU E 200 26.43 1.77 -14.72
N PRO E 201 27.32 2.65 -14.22
CA PRO E 201 27.05 3.96 -13.62
C PRO E 201 26.53 5.00 -14.59
N VAL E 202 25.23 5.30 -14.50
CA VAL E 202 24.60 6.28 -15.37
C VAL E 202 23.68 7.21 -14.59
N ARG E 203 23.63 8.46 -15.07
CA ARG E 203 22.77 9.47 -14.47
C ARG E 203 22.12 10.25 -15.59
N VAL E 204 20.82 10.46 -15.45
CA VAL E 204 20.02 11.17 -16.43
C VAL E 204 19.38 12.37 -15.75
N TRP E 205 19.54 13.54 -16.36
CA TRP E 205 18.96 14.75 -15.81
C TRP E 205 17.61 14.93 -16.49
N THR E 206 16.60 15.29 -15.69
CA THR E 206 15.26 15.53 -16.21
C THR E 206 15.19 16.95 -16.76
N SER E 207 14.09 17.28 -17.42
CA SER E 207 13.91 18.62 -17.98
C SER E 207 13.83 19.63 -16.83
N ASN E 208 13.50 19.18 -15.61
CA ASN E 208 13.41 20.11 -14.50
C ASN E 208 14.60 20.07 -13.52
N TYR E 209 15.77 19.70 -14.03
CA TYR E 209 17.00 19.66 -13.22
C TYR E 209 17.04 18.68 -12.04
N ALA E 210 16.37 17.55 -12.19
CA ALA E 210 16.37 16.54 -11.17
C ALA E 210 17.29 15.49 -11.75
N VAL E 211 18.01 14.76 -10.91
CA VAL E 211 18.93 13.75 -11.40
C VAL E 211 18.48 12.33 -11.04
N LEU E 212 18.40 11.45 -12.04
CA LEU E 212 17.98 10.08 -11.83
C LEU E 212 19.19 9.19 -12.00
N GLN E 213 19.24 8.12 -11.22
CA GLN E 213 20.34 7.16 -11.32
C GLN E 213 19.76 5.76 -11.52
N PRO E 214 19.33 5.47 -12.75
CA PRO E 214 18.73 4.20 -13.19
C PRO E 214 19.70 3.03 -13.12
N THR E 215 19.22 1.88 -12.66
CA THR E 215 20.07 0.70 -12.61
C THR E 215 20.10 0.15 -14.02
N VAL E 216 21.29 0.16 -14.63
CA VAL E 216 21.45 -0.33 -15.99
C VAL E 216 22.41 -1.52 -16.01
N PRO E 217 21.84 -2.75 -15.97
CA PRO E 217 22.68 -3.96 -15.99
C PRO E 217 23.20 -4.19 -17.41
N VAL E 218 24.40 -4.74 -17.53
CA VAL E 218 24.98 -5.01 -18.83
C VAL E 218 24.34 -6.28 -19.42
N THR E 219 23.82 -6.15 -20.65
CA THR E 219 23.15 -7.25 -21.35
C THR E 219 24.13 -8.16 -22.10
N GLU E 222 22.51 -5.63 -26.67
CA GLU E 222 22.86 -4.24 -26.42
C GLU E 222 21.74 -3.52 -25.68
N LEU E 223 21.68 -2.21 -25.81
CA LEU E 223 20.65 -1.38 -25.18
C LEU E 223 20.78 0.07 -25.68
N SER E 224 19.73 0.57 -26.32
CA SER E 224 19.75 1.93 -26.86
C SER E 224 19.36 2.95 -25.79
N VAL E 225 19.73 4.21 -26.02
CA VAL E 225 19.39 5.26 -25.08
C VAL E 225 17.88 5.36 -24.96
N ALA E 226 17.19 5.25 -26.10
CA ALA E 226 15.74 5.32 -26.12
C ALA E 226 15.14 4.29 -25.16
N GLU E 227 15.70 3.10 -25.14
CA GLU E 227 15.21 2.05 -24.24
C GLU E 227 15.28 2.52 -22.79
N LEU E 228 16.47 2.95 -22.36
CA LEU E 228 16.67 3.43 -21.00
C LEU E 228 15.65 4.53 -20.67
N LEU E 229 15.61 5.58 -21.49
CA LEU E 229 14.68 6.68 -21.25
C LEU E 229 13.25 6.19 -21.13
N ASP E 230 12.79 5.39 -22.10
CA ASP E 230 11.45 4.85 -22.03
C ASP E 230 11.32 4.16 -20.67
N SER E 231 12.30 3.30 -20.37
CA SER E 231 12.30 2.56 -19.11
C SER E 231 12.04 3.46 -17.91
N ILE E 232 12.33 4.76 -18.05
CA ILE E 232 12.13 5.69 -16.95
C ILE E 232 11.20 6.84 -17.31
N LYS E 233 10.34 6.60 -18.29
CA LYS E 233 9.38 7.59 -18.75
C LYS E 233 9.96 8.99 -18.94
N LEU E 234 11.09 9.07 -19.64
CA LEU E 234 11.73 10.34 -19.92
C LEU E 234 11.89 10.52 -21.43
N SER E 235 11.00 9.90 -22.19
CA SER E 235 11.04 9.99 -23.65
C SER E 235 10.00 11.00 -24.17
N SER E 236 10.39 11.81 -25.15
CA SER E 236 9.48 12.80 -25.73
C SER E 236 9.36 12.68 -27.24
N ASP E 237 8.21 13.08 -27.77
CA ASP E 237 7.89 13.04 -29.19
C ASP E 237 9.05 13.46 -30.07
N GLY E 238 9.26 14.77 -30.18
CA GLY E 238 10.34 15.32 -30.99
C GLY E 238 11.73 14.88 -30.53
N VAL E 239 11.93 14.80 -29.21
CA VAL E 239 13.23 14.42 -28.65
C VAL E 239 13.78 13.17 -29.32
N LYS E 240 14.71 13.37 -30.25
CA LYS E 240 15.33 12.26 -30.96
C LYS E 240 16.81 12.17 -30.55
N SER E 241 17.26 13.13 -29.77
CA SER E 241 18.64 13.16 -29.30
C SER E 241 18.75 13.53 -27.82
N VAL E 242 19.93 13.28 -27.29
CA VAL E 242 20.27 13.54 -25.90
C VAL E 242 21.63 14.27 -25.90
N ILE E 243 21.94 15.01 -24.84
CA ILE E 243 23.22 15.68 -24.79
C ILE E 243 24.17 14.94 -23.86
N ILE E 244 25.31 14.53 -24.39
CA ILE E 244 26.33 13.85 -23.58
C ILE E 244 27.66 14.53 -23.87
N GLN E 245 28.41 14.86 -22.83
CA GLN E 245 29.70 15.51 -22.98
C GLN E 245 29.67 16.63 -24.02
N GLY E 246 28.59 17.41 -24.01
CA GLY E 246 28.47 18.54 -24.92
C GLY E 246 28.09 18.24 -26.35
N ILE E 247 27.80 16.98 -26.67
CA ILE E 247 27.41 16.65 -28.03
C ILE E 247 26.06 15.94 -28.10
N ASP E 248 25.32 16.24 -29.15
CA ASP E 248 24.01 15.66 -29.35
C ASP E 248 24.10 14.25 -29.90
N VAL E 249 23.79 13.27 -29.05
CA VAL E 249 23.82 11.88 -29.42
C VAL E 249 22.41 11.36 -29.67
N SER E 250 22.23 10.56 -30.72
CA SER E 250 20.91 10.01 -31.06
C SER E 250 20.41 9.06 -29.99
N ILE E 251 19.10 9.08 -29.74
CA ILE E 251 18.51 8.22 -28.72
C ILE E 251 18.63 6.74 -29.06
N GLU E 252 19.16 6.44 -30.24
CA GLU E 252 19.29 5.05 -30.67
C GLU E 252 20.66 4.38 -30.52
N ASP E 253 21.62 5.05 -29.88
CA ASP E 253 22.95 4.48 -29.70
C ASP E 253 23.07 3.60 -28.47
N ASN E 254 24.04 2.69 -28.49
CA ASN E 254 24.24 1.78 -27.36
C ASN E 254 24.87 2.46 -26.15
N ILE E 255 24.15 2.42 -25.04
CA ILE E 255 24.60 3.01 -23.78
C ILE E 255 25.94 2.41 -23.34
N PHE E 256 26.14 1.12 -23.60
CA PHE E 256 27.37 0.46 -23.22
C PHE E 256 28.57 1.15 -23.86
N GLU E 257 28.51 1.35 -25.18
CA GLU E 257 29.60 2.02 -25.87
C GLU E 257 29.70 3.45 -25.36
N LEU E 258 28.55 4.06 -25.12
CA LEU E 258 28.48 5.43 -24.63
C LEU E 258 29.23 5.61 -23.31
N TYR E 259 29.10 4.65 -22.41
CA TYR E 259 29.80 4.77 -21.13
C TYR E 259 31.30 4.55 -21.35
N ASP E 260 31.62 3.63 -22.25
CA ASP E 260 32.99 3.30 -22.55
C ASP E 260 33.78 4.52 -23.02
N ILE E 261 33.16 5.33 -23.86
CA ILE E 261 33.82 6.51 -24.39
C ILE E 261 33.50 7.85 -23.70
N PHE E 262 32.27 8.01 -23.20
CA PHE E 262 31.88 9.28 -22.62
C PHE E 262 31.74 9.46 -21.10
N ALA E 263 31.99 8.40 -20.34
CA ALA E 263 31.88 8.53 -18.89
C ALA E 263 32.71 9.69 -18.38
N SER E 264 32.18 10.43 -17.43
CA SER E 264 32.90 11.57 -16.87
C SER E 264 34.00 11.14 -15.92
N ILE E 265 34.77 12.10 -15.43
CA ILE E 265 35.89 11.80 -14.54
C ILE E 265 35.48 11.27 -13.18
N ASP E 266 34.20 11.36 -12.85
CA ASP E 266 33.81 10.84 -11.55
C ASP E 266 33.36 9.39 -11.67
N GLY E 267 33.42 8.85 -12.89
CA GLY E 267 33.02 7.47 -13.07
C GLY E 267 31.60 7.23 -13.57
N PHE E 268 30.83 8.30 -13.74
CA PHE E 268 29.46 8.18 -14.22
C PHE E 268 29.25 8.77 -15.63
N LEU E 269 28.36 8.13 -16.39
CA LEU E 269 28.01 8.61 -17.71
C LEU E 269 26.81 9.49 -17.42
N TYR E 270 26.77 10.70 -17.96
CA TYR E 270 25.67 11.63 -17.74
C TYR E 270 24.93 11.92 -19.03
N LEU E 271 23.59 11.93 -18.94
CA LEU E 271 22.76 12.27 -20.09
C LEU E 271 21.87 13.44 -19.68
N VAL E 272 21.86 14.49 -20.49
CA VAL E 272 21.01 15.63 -20.21
C VAL E 272 19.86 15.54 -21.21
N THR E 273 18.65 15.31 -20.70
CA THR E 273 17.48 15.17 -21.57
C THR E 273 16.86 16.49 -21.98
N LYS E 274 16.65 16.65 -23.28
CA LYS E 274 16.06 17.85 -23.84
C LYS E 274 14.55 17.89 -23.61
#